data_1QWU
#
_entry.id   1QWU
#
_cell.length_a   68.850
_cell.length_b   109.799
_cell.length_c   138.765
_cell.angle_alpha   90.00
_cell.angle_beta   90.00
_cell.angle_gamma   90.00
#
_symmetry.space_group_name_H-M   'P 21 21 21'
#
loop_
_entity.id
_entity.type
_entity.pdbx_description
1 polymer 'Alpha-mannosidase II'
2 non-polymer 2-acetamido-2-deoxy-beta-D-glucopyranose
3 non-polymer 'ZINC ION'
4 non-polymer (2R,3S,4R,5S)-2,6-difluoro-2-(hydroxymethyl)oxane-3,4,5-triol
5 non-polymer (4S)-2-METHYL-2,4-PENTANEDIOL
6 water water
#
_entity_poly.entity_id   1
_entity_poly.type   'polypeptide(L)'
_entity_poly.pdbx_seq_one_letter_code
;RSSHHHHHHGEFDDPIRPPLKVARSPRPGQCQDVVQDVPNVDVQMLELYDRMSFKDIDGGVWKQGWNIKYDPLKYNAHHK
LKVFVVPHSHNDPGWIQTFEEYYQHDTKHILSNALRHLHDNPEMKFIWAEISYFARFYHDLGENKKLQMKSIVKNGQLEF
VTGGWVMPDEANSHWRNVLLQLTEGQTWLKQFMNVTPTASWAIDPFGHSPTMPYILQKSGFKNMLIQRTHYSVKKELAQQ
RQLEFLWRQIWDNKGDTALFTHMMPFYSYDIPHTCGPDPKVCCQFDFKRMGSFGLSCPWKVPPRTISDQNVAARSDLLVD
QWKKKAELYRTNVLLIPLGDNFRFKQNTEWDVQRVNYERLFEHINSQAHFNVQAQFGTLQEYFDAVHQAERAGQAEFPTL
SGDFFTYADRSDNYWSGYYTSRPYHKRMDRVLMHYVRAAEMLSAWHSWDGMARIEERLEQARRELSLFQHHDGITGTAKT
HVVVDYEQRMQEALKACQMVMQQSVYRLLTKPSIYSPDFSFSYFTLDDSRWPGSGVEDSRTTIILGEDILPSKHVVMHNT
LPHWREQLVDFYVSSPFVSVTDLANNPVEAQVSPVWSWHHDTLTKTIHPQGSTTKYRIIFKARVPPMGLATYVLTISDSK
PEHTSYASNLLLRKNPTSLPLGQYPEDVKFGDPREISLRVGNGPTLAFSEQGLLKSIQLTQDSPHVPVHFKFLKYGVRSH
GDRSGAYLFLPNGPASPVELGQPVVLVTKGKLESSVSVGLPSVVHQTIMRGGAPEIRNLVDIGSLDNTEIVMRLETHIDS
GDIFYTDLNGLQFIKRRRLDKLPLQANYYPIPSGMFIEDANTRLTLLTGQPLGGSSLASGELEIMQDRRLASDDERGLGQ
GVLDNKPVLHIYRLVLEKVNNCVRPSKLHPAGYLTSAAHKASQSLLDPLDKFIFAENEWIGAQGQFGGDHPSAREDLDVS
VMRRLTKSSAKTQRVGYVLHRTNLMQCGTPEEHTQKLDVCHLLPNVARCERTTLTFLQNLEHLDGMVAPEVCPMETAAYV
SSHSS
;
_entity_poly.pdbx_strand_id   A
#
loop_
_chem_comp.id
_chem_comp.type
_chem_comp.name
_chem_comp.formula
GUL L-saccharide (2R,3S,4R,5S)-2,6-difluoro-2-(hydroxymethyl)oxane-3,4,5-triol 'C6 H10 F2 O5'
MPD non-polymer (4S)-2-METHYL-2,4-PENTANEDIOL 'C6 H14 O2'
NAG D-saccharide, beta linking 2-acetamido-2-deoxy-beta-D-glucopyranose 'C8 H15 N O6'
ZN non-polymer 'ZINC ION' 'Zn 2'
#
# COMPACT_ATOMS: atom_id res chain seq x y z
N CYS A 31 -26.74 1.50 10.84
CA CYS A 31 -25.41 0.83 10.52
C CYS A 31 -25.55 -0.66 10.29
N GLN A 32 -25.08 -1.14 9.14
CA GLN A 32 -25.11 -2.58 8.84
C GLN A 32 -24.20 -3.34 9.82
N ASP A 33 -24.52 -4.60 10.02
CA ASP A 33 -23.76 -5.47 10.90
C ASP A 33 -22.74 -6.13 9.97
N VAL A 34 -21.46 -5.94 10.23
CA VAL A 34 -20.46 -6.47 9.31
C VAL A 34 -19.90 -7.81 9.75
N VAL A 35 -20.46 -8.33 10.84
CA VAL A 35 -20.01 -9.58 11.40
C VAL A 35 -20.95 -10.79 11.24
N GLN A 36 -22.19 -10.60 11.64
CA GLN A 36 -23.19 -11.67 11.71
C GLN A 36 -24.04 -12.06 10.53
N ASP A 37 -24.10 -11.22 9.50
CA ASP A 37 -24.91 -11.51 8.31
C ASP A 37 -24.01 -11.86 7.12
N VAL A 38 -24.00 -13.12 6.69
CA VAL A 38 -23.19 -13.51 5.54
C VAL A 38 -23.86 -12.99 4.24
N PRO A 39 -23.19 -12.06 3.52
CA PRO A 39 -23.81 -11.57 2.28
C PRO A 39 -24.13 -12.69 1.31
N ASN A 40 -25.24 -12.51 0.60
CA ASN A 40 -25.66 -13.46 -0.39
C ASN A 40 -25.24 -12.92 -1.78
N VAL A 41 -24.26 -13.54 -2.43
CA VAL A 41 -23.83 -13.04 -3.74
C VAL A 41 -23.74 -14.17 -4.76
N ASP A 42 -23.88 -13.85 -6.04
CA ASP A 42 -23.78 -14.87 -7.06
C ASP A 42 -22.39 -15.50 -7.16
N VAL A 43 -21.34 -14.69 -6.97
CA VAL A 43 -19.97 -15.24 -7.03
C VAL A 43 -19.22 -14.78 -5.77
N GLN A 44 -18.70 -15.72 -4.98
CA GLN A 44 -17.94 -15.34 -3.79
C GLN A 44 -16.59 -15.99 -4.09
N MET A 45 -15.55 -15.17 -4.28
CA MET A 45 -14.29 -15.72 -4.72
C MET A 45 -13.63 -16.84 -3.92
N LEU A 46 -13.77 -16.84 -2.61
CA LEU A 46 -13.17 -17.95 -1.83
C LEU A 46 -13.94 -19.26 -2.16
N GLU A 47 -15.26 -19.13 -2.30
CA GLU A 47 -16.12 -20.27 -2.59
C GLU A 47 -15.79 -20.77 -3.97
N LEU A 48 -15.65 -19.84 -4.91
CA LEU A 48 -15.31 -20.23 -6.28
C LEU A 48 -13.97 -20.97 -6.29
N TYR A 49 -12.99 -20.44 -5.57
CA TYR A 49 -11.67 -21.06 -5.52
C TYR A 49 -11.72 -22.50 -5.00
N ASP A 50 -12.58 -22.73 -4.02
CA ASP A 50 -12.73 -24.04 -3.42
C ASP A 50 -13.24 -25.06 -4.47
N ARG A 51 -14.18 -24.64 -5.31
CA ARG A 51 -14.74 -25.55 -6.32
C ARG A 51 -13.95 -25.70 -7.62
N MET A 52 -13.28 -24.63 -8.05
CA MET A 52 -12.52 -24.63 -9.30
C MET A 52 -11.38 -25.63 -9.33
N SER A 53 -11.15 -26.21 -10.49
CA SER A 53 -10.09 -27.20 -10.66
C SER A 53 -8.75 -26.61 -11.07
N PHE A 54 -8.79 -25.43 -11.71
CA PHE A 54 -7.56 -24.78 -12.14
C PHE A 54 -6.75 -25.60 -13.14
N LYS A 55 -7.40 -26.45 -13.94
CA LYS A 55 -6.62 -27.23 -14.90
C LYS A 55 -6.12 -26.35 -16.04
N ASP A 56 -4.85 -26.45 -16.37
CA ASP A 56 -4.26 -25.60 -17.43
C ASP A 56 -4.25 -26.35 -18.78
N ILE A 57 -5.40 -26.49 -19.43
CA ILE A 57 -5.41 -27.21 -20.69
C ILE A 57 -5.38 -26.27 -21.87
N ASP A 58 -4.86 -26.78 -22.98
CA ASP A 58 -4.77 -26.02 -24.24
C ASP A 58 -6.17 -25.87 -24.81
N GLY A 59 -6.69 -24.65 -24.83
CA GLY A 59 -8.03 -24.45 -25.35
C GLY A 59 -8.10 -24.06 -26.81
N GLY A 60 -6.97 -24.19 -27.52
CA GLY A 60 -6.90 -23.84 -28.94
C GLY A 60 -6.29 -22.46 -29.18
N VAL A 61 -6.79 -21.73 -30.17
CA VAL A 61 -6.25 -20.41 -30.43
C VAL A 61 -6.43 -19.59 -29.15
N TRP A 62 -7.55 -19.77 -28.44
CA TRP A 62 -7.68 -19.08 -27.16
C TRP A 62 -7.06 -20.12 -26.24
N LYS A 63 -5.73 -20.01 -26.09
CA LYS A 63 -4.97 -20.97 -25.30
C LYS A 63 -5.51 -21.30 -23.91
N GLN A 64 -6.07 -20.31 -23.21
CA GLN A 64 -6.57 -20.57 -21.87
C GLN A 64 -8.09 -20.60 -21.75
N GLY A 65 -8.76 -20.66 -22.89
CA GLY A 65 -10.21 -20.74 -22.88
C GLY A 65 -10.73 -21.97 -23.62
N TRP A 66 -11.53 -21.74 -24.67
CA TRP A 66 -12.12 -22.82 -25.50
C TRP A 66 -12.51 -22.17 -26.83
N ASN A 67 -12.90 -22.95 -27.84
CA ASN A 67 -13.33 -22.38 -29.13
C ASN A 67 -14.72 -21.81 -29.02
N ILE A 68 -14.80 -20.49 -29.03
CA ILE A 68 -16.08 -19.83 -28.87
C ILE A 68 -16.94 -20.00 -30.12
N LYS A 69 -18.21 -20.32 -29.92
CA LYS A 69 -19.11 -20.46 -31.06
C LYS A 69 -20.24 -19.49 -30.80
N TYR A 70 -20.84 -18.96 -31.87
CA TYR A 70 -21.96 -18.06 -31.70
C TYR A 70 -23.00 -18.37 -32.78
N ASP A 71 -24.23 -17.95 -32.54
CA ASP A 71 -25.30 -18.16 -33.49
C ASP A 71 -25.35 -16.90 -34.34
N PRO A 72 -25.00 -17.02 -35.63
CA PRO A 72 -25.02 -15.82 -36.48
C PRO A 72 -26.33 -15.06 -36.50
N LEU A 73 -27.43 -15.74 -36.19
CA LEU A 73 -28.72 -15.08 -36.19
C LEU A 73 -28.98 -14.29 -34.94
N LYS A 74 -28.02 -14.31 -34.00
CA LYS A 74 -28.24 -13.56 -32.77
C LYS A 74 -28.43 -12.07 -33.06
N TYR A 75 -27.68 -11.54 -34.01
CA TYR A 75 -27.80 -10.12 -34.35
C TYR A 75 -28.54 -9.95 -35.65
N ASN A 76 -29.34 -8.91 -35.73
CA ASN A 76 -30.12 -8.63 -36.92
C ASN A 76 -30.42 -7.14 -36.96
N ALA A 77 -31.12 -6.70 -37.99
CA ALA A 77 -31.43 -5.27 -38.13
C ALA A 77 -32.08 -4.66 -36.89
N HIS A 78 -32.79 -5.47 -36.12
CA HIS A 78 -33.47 -4.96 -34.93
C HIS A 78 -32.69 -5.18 -33.64
N HIS A 79 -31.52 -5.80 -33.78
CA HIS A 79 -30.66 -6.04 -32.64
C HIS A 79 -29.23 -6.14 -33.15
N LYS A 80 -28.56 -5.00 -33.21
CA LYS A 80 -27.20 -4.96 -33.71
C LYS A 80 -26.15 -4.98 -32.59
N LEU A 81 -24.94 -5.37 -32.94
CA LEU A 81 -23.81 -5.39 -32.02
C LEU A 81 -23.18 -3.99 -32.15
N LYS A 82 -23.19 -3.25 -31.07
CA LYS A 82 -22.62 -1.91 -31.02
C LYS A 82 -21.17 -2.11 -30.55
N VAL A 83 -20.19 -1.72 -31.37
CA VAL A 83 -18.79 -1.95 -31.02
C VAL A 83 -18.06 -0.64 -30.78
N PHE A 84 -17.39 -0.53 -29.63
CA PHE A 84 -16.61 0.66 -29.31
C PHE A 84 -15.12 0.30 -29.29
N VAL A 85 -14.36 0.86 -30.23
CA VAL A 85 -12.92 0.62 -30.29
C VAL A 85 -12.32 1.78 -29.52
N VAL A 86 -11.64 1.46 -28.42
CA VAL A 86 -11.10 2.49 -27.55
C VAL A 86 -9.57 2.61 -27.57
N PRO A 87 -9.04 3.60 -28.29
CA PRO A 87 -7.58 3.81 -28.35
C PRO A 87 -7.01 4.17 -26.98
N HIS A 88 -5.83 3.63 -26.68
CA HIS A 88 -5.18 3.88 -25.40
C HIS A 88 -3.68 3.63 -25.50
N SER A 89 -2.94 4.13 -24.51
CA SER A 89 -1.49 3.99 -24.49
C SER A 89 -1.11 3.77 -23.02
N HIS A 90 -0.54 2.62 -22.69
CA HIS A 90 -0.16 2.34 -21.31
C HIS A 90 1.19 2.95 -21.00
N ASN A 91 1.18 3.98 -20.18
CA ASN A 91 2.41 4.69 -19.82
C ASN A 91 2.77 4.44 -18.36
N ASP A 92 4.01 3.99 -18.15
CA ASP A 92 4.52 3.71 -16.81
C ASP A 92 5.35 4.87 -16.23
N PRO A 93 4.93 5.45 -15.08
CA PRO A 93 5.65 6.54 -14.41
C PRO A 93 6.89 5.89 -13.78
N GLY A 94 7.76 5.40 -14.65
CA GLY A 94 8.99 4.71 -14.27
C GLY A 94 8.75 3.21 -14.36
N TRP A 95 9.73 2.49 -14.90
CA TRP A 95 9.72 1.01 -14.96
C TRP A 95 11.14 0.61 -15.44
N ILE A 96 11.33 0.66 -16.76
CA ILE A 96 12.62 0.38 -17.41
C ILE A 96 13.44 1.68 -17.50
N GLN A 97 12.75 2.82 -17.55
CA GLN A 97 13.40 4.13 -17.55
C GLN A 97 12.77 4.87 -16.35
N THR A 98 13.34 5.98 -15.92
CA THR A 98 12.73 6.73 -14.83
C THR A 98 11.55 7.54 -15.39
N PHE A 99 10.72 8.05 -14.48
CA PHE A 99 9.61 8.91 -14.88
C PHE A 99 10.08 9.98 -15.90
N GLU A 100 11.10 10.75 -15.56
CA GLU A 100 11.59 11.82 -16.44
C GLU A 100 12.17 11.31 -17.75
N GLU A 101 12.87 10.17 -17.72
CA GLU A 101 13.42 9.62 -18.97
C GLU A 101 12.25 9.23 -19.91
N TYR A 102 11.27 8.52 -19.37
CA TYR A 102 10.11 8.16 -20.17
C TYR A 102 9.39 9.43 -20.69
N TYR A 103 9.24 10.42 -19.80
CA TYR A 103 8.56 11.61 -20.27
C TYR A 103 9.28 12.25 -21.45
N GLN A 104 10.61 12.36 -21.36
CA GLN A 104 11.37 12.99 -22.45
C GLN A 104 11.43 12.12 -23.67
N HIS A 105 11.56 10.81 -23.48
CA HIS A 105 11.72 9.92 -24.63
C HIS A 105 10.47 9.45 -25.33
N ASP A 106 9.35 9.35 -24.61
CA ASP A 106 8.11 8.84 -25.19
C ASP A 106 6.83 9.60 -24.90
N THR A 107 6.52 9.71 -23.61
CA THR A 107 5.26 10.32 -23.20
C THR A 107 4.98 11.73 -23.67
N LYS A 108 5.95 12.64 -23.61
CA LYS A 108 5.62 13.97 -24.11
C LYS A 108 5.29 13.91 -25.61
N HIS A 109 5.90 12.96 -26.34
CA HIS A 109 5.61 12.86 -27.77
C HIS A 109 4.24 12.25 -27.97
N ILE A 110 3.90 11.27 -27.12
CA ILE A 110 2.59 10.65 -27.20
C ILE A 110 1.50 11.70 -26.95
N LEU A 111 1.68 12.49 -25.91
CA LEU A 111 0.67 13.50 -25.61
C LEU A 111 0.63 14.64 -26.63
N SER A 112 1.78 15.06 -27.11
CA SER A 112 1.83 16.13 -28.10
C SER A 112 1.12 15.67 -29.40
N ASN A 113 1.42 14.46 -29.84
CA ASN A 113 0.76 13.93 -31.03
C ASN A 113 -0.73 13.61 -30.82
N ALA A 114 -1.10 13.23 -29.60
CA ALA A 114 -2.51 12.98 -29.31
C ALA A 114 -3.25 14.32 -29.47
N LEU A 115 -2.66 15.40 -28.97
CA LEU A 115 -3.31 16.70 -29.08
C LEU A 115 -3.51 17.08 -30.57
N ARG A 116 -2.44 16.94 -31.35
CA ARG A 116 -2.51 17.27 -32.76
C ARG A 116 -3.52 16.38 -33.49
N HIS A 117 -3.37 15.07 -33.36
CA HIS A 117 -4.27 14.17 -34.03
C HIS A 117 -5.72 14.23 -33.67
N LEU A 118 -6.06 14.40 -32.39
CA LEU A 118 -7.48 14.50 -32.02
C LEU A 118 -8.01 15.85 -32.48
N HIS A 119 -7.19 16.88 -32.38
CA HIS A 119 -7.64 18.21 -32.82
C HIS A 119 -8.04 18.14 -34.30
N ASP A 120 -7.21 17.50 -35.12
CA ASP A 120 -7.45 17.40 -36.57
C ASP A 120 -8.42 16.33 -37.07
N ASN A 121 -8.76 15.36 -36.23
CA ASN A 121 -9.68 14.29 -36.62
C ASN A 121 -10.77 14.22 -35.54
N PRO A 122 -11.82 15.02 -35.71
CA PRO A 122 -12.94 15.08 -34.75
C PRO A 122 -13.52 13.78 -34.24
N GLU A 123 -13.53 12.75 -35.06
CA GLU A 123 -14.12 11.47 -34.64
C GLU A 123 -13.19 10.53 -33.89
N MET A 124 -11.89 10.79 -33.94
CA MET A 124 -10.90 9.97 -33.26
C MET A 124 -11.06 10.21 -31.73
N LYS A 125 -10.81 9.18 -30.93
CA LYS A 125 -10.92 9.20 -29.46
C LYS A 125 -9.64 8.64 -28.81
N PHE A 126 -9.45 8.89 -27.51
CA PHE A 126 -8.26 8.42 -26.82
C PHE A 126 -8.55 8.52 -25.32
N ILE A 127 -8.10 7.54 -24.53
CA ILE A 127 -8.30 7.64 -23.08
C ILE A 127 -6.92 7.76 -22.40
N TRP A 128 -6.87 8.47 -21.26
CA TRP A 128 -5.61 8.67 -20.56
C TRP A 128 -5.79 8.41 -19.06
N ALA A 129 -4.89 7.64 -18.49
CA ALA A 129 -4.98 7.26 -17.07
C ALA A 129 -4.06 7.99 -16.06
N GLU A 130 -2.80 8.19 -16.43
CA GLU A 130 -1.81 8.75 -15.52
C GLU A 130 -1.65 10.27 -15.46
N ILE A 131 -2.27 10.87 -14.44
CA ILE A 131 -2.20 12.31 -14.31
C ILE A 131 -0.80 12.84 -14.00
N SER A 132 0.06 12.02 -13.40
CA SER A 132 1.43 12.51 -13.11
C SER A 132 2.08 12.99 -14.42
N TYR A 133 1.93 12.19 -15.47
CA TYR A 133 2.48 12.52 -16.79
C TYR A 133 1.68 13.65 -17.44
N PHE A 134 0.35 13.60 -17.34
CA PHE A 134 -0.45 14.64 -17.99
C PHE A 134 -0.19 16.03 -17.40
N ALA A 135 -0.11 16.10 -16.08
CA ALA A 135 0.14 17.36 -15.40
C ALA A 135 1.52 17.93 -15.83
N ARG A 136 2.52 17.04 -15.93
CA ARG A 136 3.87 17.43 -16.34
C ARG A 136 3.82 18.03 -17.75
N PHE A 137 3.10 17.37 -18.64
CA PHE A 137 2.94 17.80 -20.02
C PHE A 137 2.19 19.13 -20.15
N TYR A 138 1.00 19.17 -19.58
CA TYR A 138 0.15 20.36 -19.62
C TYR A 138 0.84 21.63 -19.13
N HIS A 139 1.57 21.56 -18.03
CA HIS A 139 2.20 22.76 -17.54
C HIS A 139 3.29 23.26 -18.45
N ASP A 140 3.83 22.38 -19.29
CA ASP A 140 4.85 22.79 -20.26
C ASP A 140 4.26 23.35 -21.57
N LEU A 141 2.96 23.18 -21.77
CA LEU A 141 2.30 23.66 -23.00
C LEU A 141 2.13 25.15 -23.06
N GLY A 142 2.22 25.71 -24.26
CA GLY A 142 1.98 27.15 -24.39
C GLY A 142 0.46 27.34 -24.22
N GLU A 143 0.05 28.57 -23.91
CA GLU A 143 -1.35 28.88 -23.70
C GLU A 143 -2.23 28.49 -24.88
N ASN A 144 -1.73 28.64 -26.10
CA ASN A 144 -2.56 28.27 -27.23
C ASN A 144 -2.89 26.76 -27.22
N LYS A 145 -1.91 25.91 -26.94
CA LYS A 145 -2.12 24.46 -26.91
C LYS A 145 -2.93 24.03 -25.68
N LYS A 146 -2.78 24.74 -24.56
CA LYS A 146 -3.55 24.43 -23.36
C LYS A 146 -5.02 24.58 -23.69
N LEU A 147 -5.36 25.57 -24.48
CA LEU A 147 -6.75 25.81 -24.86
C LEU A 147 -7.21 24.72 -25.82
N GLN A 148 -6.35 24.32 -26.74
CA GLN A 148 -6.73 23.26 -27.65
C GLN A 148 -6.97 21.98 -26.86
N MET A 149 -6.11 21.72 -25.88
CA MET A 149 -6.24 20.51 -25.06
C MET A 149 -7.54 20.54 -24.25
N LYS A 150 -7.80 21.66 -23.61
CA LYS A 150 -9.04 21.76 -22.84
C LYS A 150 -10.25 21.52 -23.75
N SER A 151 -10.19 21.97 -24.99
CA SER A 151 -11.37 21.76 -25.83
C SER A 151 -11.55 20.31 -26.31
N ILE A 152 -10.48 19.57 -26.57
CA ILE A 152 -10.71 18.19 -26.97
C ILE A 152 -11.09 17.34 -25.75
N VAL A 153 -10.87 17.84 -24.54
CA VAL A 153 -11.30 17.10 -23.34
C VAL A 153 -12.80 17.44 -23.13
N LYS A 154 -13.12 18.73 -23.19
CA LYS A 154 -14.48 19.20 -23.00
C LYS A 154 -15.46 18.58 -24.01
N ASN A 155 -15.02 18.43 -25.26
CA ASN A 155 -15.84 17.82 -26.31
C ASN A 155 -15.88 16.27 -26.31
N GLY A 156 -15.20 15.61 -25.38
CA GLY A 156 -15.27 14.14 -25.33
C GLY A 156 -14.30 13.29 -26.13
N GLN A 157 -13.40 13.92 -26.89
CA GLN A 157 -12.44 13.16 -27.67
C GLN A 157 -11.32 12.55 -26.81
N LEU A 158 -10.79 13.32 -25.87
CA LEU A 158 -9.72 12.81 -25.00
C LEU A 158 -10.41 12.68 -23.64
N GLU A 159 -10.39 11.45 -23.10
CA GLU A 159 -11.07 11.20 -21.83
C GLU A 159 -10.19 10.58 -20.78
N PHE A 160 -10.23 11.16 -19.59
CA PHE A 160 -9.45 10.60 -18.49
C PHE A 160 -10.19 9.48 -17.80
N VAL A 161 -9.48 8.39 -17.59
CA VAL A 161 -10.02 7.23 -16.95
C VAL A 161 -9.28 7.16 -15.61
N THR A 162 -10.05 6.94 -14.54
CA THR A 162 -9.57 6.90 -13.15
C THR A 162 -9.10 8.31 -12.75
N GLY A 163 -8.09 8.84 -13.41
CA GLY A 163 -7.64 10.18 -13.03
C GLY A 163 -6.74 10.24 -11.80
N GLY A 164 -6.10 9.13 -11.45
CA GLY A 164 -5.18 9.13 -10.32
C GLY A 164 -3.79 9.62 -10.74
N TRP A 165 -2.93 9.98 -9.79
CA TRP A 165 -1.58 10.43 -10.15
C TRP A 165 -0.94 9.27 -10.94
N VAL A 166 -1.31 8.04 -10.59
CA VAL A 166 -0.80 6.84 -11.25
C VAL A 166 -1.93 5.81 -11.32
N MET A 167 -1.61 4.61 -11.83
CA MET A 167 -2.51 3.43 -11.85
C MET A 167 -1.73 2.62 -10.81
N PRO A 168 -2.18 2.64 -9.54
CA PRO A 168 -1.43 1.94 -8.51
C PRO A 168 -1.44 0.43 -8.42
N ASP A 169 -0.43 -0.07 -7.74
CA ASP A 169 -0.33 -1.47 -7.37
C ASP A 169 -1.53 -1.66 -6.44
N GLU A 170 -2.13 -2.84 -6.41
CA GLU A 170 -3.28 -3.06 -5.53
C GLU A 170 -2.96 -4.05 -4.43
N ALA A 171 -1.75 -4.60 -4.46
CA ALA A 171 -1.39 -5.57 -3.44
C ALA A 171 -0.68 -5.04 -2.21
N ASN A 172 0.37 -4.28 -2.44
CA ASN A 172 1.18 -3.75 -1.36
C ASN A 172 0.73 -2.39 -0.85
N SER A 173 0.01 -1.66 -1.69
CA SER A 173 -0.39 -0.31 -1.34
C SER A 173 -1.34 -0.20 -0.18
N HIS A 174 -1.13 0.83 0.63
CA HIS A 174 -2.05 1.05 1.76
C HIS A 174 -3.23 1.85 1.21
N TRP A 175 -4.46 1.55 1.64
CA TRP A 175 -5.60 2.25 1.11
C TRP A 175 -5.44 3.73 1.30
N ARG A 176 -4.75 4.14 2.37
CA ARG A 176 -4.58 5.57 2.57
C ARG A 176 -3.81 6.24 1.42
N ASN A 177 -2.79 5.56 0.91
CA ASN A 177 -1.98 6.12 -0.19
C ASN A 177 -2.66 5.95 -1.54
N VAL A 178 -3.53 4.95 -1.63
CA VAL A 178 -4.30 4.77 -2.86
C VAL A 178 -5.25 6.00 -2.94
N LEU A 179 -5.87 6.37 -1.80
CA LEU A 179 -6.75 7.54 -1.80
C LEU A 179 -5.91 8.80 -2.05
N LEU A 180 -4.74 8.88 -1.41
CA LEU A 180 -3.89 10.04 -1.58
C LEU A 180 -3.59 10.29 -3.08
N GLN A 181 -3.14 9.25 -3.79
CA GLN A 181 -2.76 9.45 -5.20
C GLN A 181 -3.96 9.70 -6.08
N LEU A 182 -5.11 9.08 -5.77
CA LEU A 182 -6.32 9.32 -6.52
C LEU A 182 -6.71 10.80 -6.37
N THR A 183 -6.66 11.28 -5.14
CA THR A 183 -7.01 12.66 -4.85
C THR A 183 -6.04 13.64 -5.54
N GLU A 184 -4.76 13.30 -5.57
CA GLU A 184 -3.78 14.19 -6.16
C GLU A 184 -4.07 14.38 -7.66
N GLY A 185 -4.37 13.30 -8.36
CA GLY A 185 -4.66 13.41 -9.78
C GLY A 185 -6.01 14.06 -10.07
N GLN A 186 -7.03 13.68 -9.31
CA GLN A 186 -8.36 14.25 -9.53
C GLN A 186 -8.47 15.74 -9.13
N THR A 187 -7.69 16.16 -8.12
CA THR A 187 -7.74 17.56 -7.73
C THR A 187 -7.10 18.38 -8.88
N TRP A 188 -6.03 17.87 -9.46
CA TRP A 188 -5.39 18.54 -10.56
C TRP A 188 -6.41 18.60 -11.74
N LEU A 189 -7.04 17.46 -12.04
CA LEU A 189 -8.00 17.43 -13.16
C LEU A 189 -9.16 18.40 -12.98
N LYS A 190 -9.72 18.46 -11.78
CA LYS A 190 -10.84 19.38 -11.56
C LYS A 190 -10.38 20.82 -11.79
N GLN A 191 -9.23 21.14 -11.24
CA GLN A 191 -8.73 22.47 -11.33
C GLN A 191 -8.39 22.95 -12.74
N PHE A 192 -7.63 22.14 -13.47
CA PHE A 192 -7.21 22.52 -14.80
C PHE A 192 -7.99 22.00 -16.00
N MET A 193 -8.66 20.87 -15.86
CA MET A 193 -9.42 20.32 -16.98
C MET A 193 -10.90 20.40 -16.73
N ASN A 194 -11.28 20.75 -15.50
CA ASN A 194 -12.68 20.88 -15.13
C ASN A 194 -13.47 19.57 -15.35
N VAL A 195 -12.88 18.43 -15.02
CA VAL A 195 -13.52 17.12 -15.15
C VAL A 195 -13.11 16.20 -14.00
N THR A 196 -14.03 15.31 -13.63
CA THR A 196 -13.82 14.31 -12.61
C THR A 196 -14.26 12.94 -13.16
N PRO A 197 -13.30 12.07 -13.52
CA PRO A 197 -13.62 10.74 -14.07
C PRO A 197 -14.54 9.94 -13.15
N THR A 198 -15.50 9.22 -13.73
CA THR A 198 -16.36 8.38 -12.91
C THR A 198 -16.18 6.93 -13.37
N ALA A 199 -15.28 6.71 -14.34
CA ALA A 199 -14.96 5.35 -14.78
C ALA A 199 -13.45 5.10 -14.53
N SER A 200 -13.11 3.94 -13.98
CA SER A 200 -11.71 3.61 -13.69
C SER A 200 -11.19 2.59 -14.68
N TRP A 201 -9.89 2.64 -14.93
CA TRP A 201 -9.24 1.77 -15.89
C TRP A 201 -7.91 1.27 -15.25
N ALA A 202 -7.85 -0.01 -14.94
CA ALA A 202 -6.66 -0.57 -14.30
C ALA A 202 -6.26 -1.84 -15.05
N ILE A 203 -5.40 -1.67 -16.06
CA ILE A 203 -5.04 -2.80 -16.89
C ILE A 203 -3.73 -3.49 -16.63
N ASP A 204 -2.88 -2.95 -15.75
CA ASP A 204 -1.59 -3.63 -15.52
C ASP A 204 -1.23 -4.09 -14.11
N PRO A 205 -1.95 -3.66 -13.04
CA PRO A 205 -1.59 -4.16 -11.69
C PRO A 205 -1.67 -5.69 -11.75
N PHE A 206 -0.84 -6.37 -10.95
CA PHE A 206 -0.74 -7.83 -10.94
C PHE A 206 -1.73 -8.48 -9.96
N GLY A 207 -3.00 -8.55 -10.36
CA GLY A 207 -4.03 -9.04 -9.47
C GLY A 207 -4.74 -7.77 -8.98
N HIS A 208 -5.97 -7.91 -8.52
CA HIS A 208 -6.79 -6.77 -8.12
C HIS A 208 -7.42 -6.92 -6.75
N SER A 209 -7.58 -5.80 -6.07
CA SER A 209 -8.14 -5.76 -4.72
C SER A 209 -9.46 -5.03 -4.68
N PRO A 210 -10.42 -5.48 -3.82
CA PRO A 210 -11.74 -4.87 -3.68
C PRO A 210 -11.59 -3.54 -2.94
N THR A 211 -10.38 -3.24 -2.46
CA THR A 211 -10.19 -1.92 -1.85
C THR A 211 -10.41 -0.83 -2.93
N MET A 212 -10.16 -1.15 -4.21
CA MET A 212 -10.33 -0.16 -5.28
C MET A 212 -11.80 0.23 -5.43
N PRO A 213 -12.72 -0.73 -5.69
CA PRO A 213 -14.11 -0.27 -5.78
C PRO A 213 -14.56 0.38 -4.47
N TYR A 214 -14.02 -0.05 -3.33
CA TYR A 214 -14.40 0.55 -2.05
C TYR A 214 -14.18 2.07 -2.07
N ILE A 215 -12.94 2.47 -2.39
CA ILE A 215 -12.54 3.88 -2.45
C ILE A 215 -13.23 4.59 -3.64
N LEU A 216 -13.27 3.94 -4.78
CA LEU A 216 -13.86 4.57 -5.96
C LEU A 216 -15.35 4.86 -5.78
N GLN A 217 -16.08 3.90 -5.25
CA GLN A 217 -17.52 4.09 -5.09
C GLN A 217 -17.78 5.24 -4.10
N LYS A 218 -16.83 5.50 -3.18
CA LYS A 218 -17.00 6.58 -2.19
C LYS A 218 -16.35 7.89 -2.71
N SER A 219 -15.95 7.85 -3.98
CA SER A 219 -15.32 8.97 -4.65
C SER A 219 -16.06 9.32 -5.94
N GLY A 220 -17.34 8.96 -5.98
CA GLY A 220 -18.17 9.29 -7.13
C GLY A 220 -18.16 8.36 -8.32
N PHE A 221 -17.36 7.29 -8.30
CA PHE A 221 -17.29 6.43 -9.48
C PHE A 221 -18.53 5.60 -9.67
N LYS A 222 -18.81 5.27 -10.93
CA LYS A 222 -19.95 4.46 -11.30
C LYS A 222 -19.54 3.17 -12.00
N ASN A 223 -18.30 3.11 -12.48
CA ASN A 223 -17.82 1.94 -13.19
C ASN A 223 -16.30 1.75 -13.07
N MET A 224 -15.84 0.52 -13.25
CA MET A 224 -14.38 0.22 -13.24
C MET A 224 -14.09 -1.00 -14.12
N LEU A 225 -12.85 -1.08 -14.59
CA LEU A 225 -12.40 -2.12 -15.47
C LEU A 225 -11.08 -2.67 -14.94
N ILE A 226 -10.95 -3.99 -14.95
CA ILE A 226 -9.73 -4.66 -14.48
C ILE A 226 -9.27 -5.68 -15.53
N GLN A 227 -8.01 -6.07 -15.49
CA GLN A 227 -7.50 -7.00 -16.48
C GLN A 227 -6.67 -8.17 -15.97
N ARG A 228 -5.62 -7.91 -15.15
CA ARG A 228 -4.80 -9.04 -14.73
C ARG A 228 -5.38 -9.92 -13.62
N THR A 229 -6.14 -10.92 -14.00
CA THR A 229 -6.73 -11.85 -13.04
C THR A 229 -6.33 -13.25 -13.54
N HIS A 230 -6.31 -14.22 -12.63
CA HIS A 230 -5.88 -15.59 -12.94
C HIS A 230 -6.56 -16.16 -14.19
N TYR A 231 -5.80 -16.77 -15.11
CA TYR A 231 -6.41 -17.31 -16.33
C TYR A 231 -7.54 -18.28 -16.06
N SER A 232 -7.49 -19.03 -14.95
CA SER A 232 -8.58 -19.96 -14.64
C SER A 232 -9.83 -19.20 -14.26
N VAL A 233 -9.67 -18.07 -13.55
CA VAL A 233 -10.81 -17.25 -13.15
C VAL A 233 -11.48 -16.64 -14.40
N LYS A 234 -10.69 -16.11 -15.31
CA LYS A 234 -11.21 -15.58 -16.55
C LYS A 234 -12.06 -16.65 -17.26
N LYS A 235 -11.50 -17.85 -17.42
CA LYS A 235 -12.21 -18.93 -18.09
C LYS A 235 -13.53 -19.25 -17.40
N GLU A 236 -13.47 -19.43 -16.09
CA GLU A 236 -14.67 -19.72 -15.31
C GLU A 236 -15.76 -18.64 -15.43
N LEU A 237 -15.42 -17.38 -15.18
CA LEU A 237 -16.42 -16.33 -15.29
C LEU A 237 -16.90 -16.17 -16.74
N ALA A 238 -16.01 -16.37 -17.70
CA ALA A 238 -16.42 -16.27 -19.10
C ALA A 238 -17.53 -17.27 -19.41
N GLN A 239 -17.37 -18.51 -18.96
CA GLN A 239 -18.37 -19.52 -19.28
C GLN A 239 -19.74 -19.18 -18.73
N GLN A 240 -19.78 -18.44 -17.63
CA GLN A 240 -21.04 -18.07 -17.00
C GLN A 240 -21.45 -16.64 -17.35
N ARG A 241 -20.68 -16.00 -18.24
CA ARG A 241 -20.93 -14.62 -18.62
C ARG A 241 -21.01 -13.79 -17.33
N GLN A 242 -20.03 -13.98 -16.44
CA GLN A 242 -19.99 -13.20 -15.19
C GLN A 242 -18.72 -12.34 -15.19
N LEU A 243 -18.27 -11.89 -16.37
CA LEU A 243 -17.09 -11.04 -16.47
C LEU A 243 -17.44 -9.61 -16.12
N GLU A 244 -18.73 -9.30 -16.13
CA GLU A 244 -19.21 -8.00 -15.71
C GLU A 244 -20.04 -8.28 -14.47
N PHE A 245 -19.75 -7.55 -13.39
CA PHE A 245 -20.46 -7.81 -12.13
C PHE A 245 -20.49 -6.60 -11.23
N LEU A 246 -21.33 -6.66 -10.18
CA LEU A 246 -21.47 -5.61 -9.21
C LEU A 246 -20.62 -6.09 -8.04
N TRP A 247 -19.42 -5.52 -7.96
CA TRP A 247 -18.46 -5.89 -6.94
C TRP A 247 -18.73 -5.16 -5.63
N ARG A 248 -19.14 -5.93 -4.61
CA ARG A 248 -19.38 -5.33 -3.30
C ARG A 248 -18.36 -5.91 -2.35
N GLN A 249 -18.20 -5.24 -1.19
CA GLN A 249 -17.26 -5.66 -0.16
C GLN A 249 -17.74 -6.97 0.46
N ILE A 250 -16.80 -7.80 0.92
CA ILE A 250 -17.14 -9.12 1.46
C ILE A 250 -18.10 -9.13 2.65
N TRP A 251 -18.12 -8.04 3.42
CA TRP A 251 -19.01 -7.94 4.58
C TRP A 251 -20.33 -7.19 4.28
N ASP A 252 -20.45 -6.63 3.08
CA ASP A 252 -21.60 -5.84 2.67
C ASP A 252 -22.85 -6.65 2.36
N ASN A 253 -23.72 -6.75 3.36
CA ASN A 253 -24.92 -7.53 3.17
C ASN A 253 -25.96 -6.82 2.31
N LYS A 254 -26.06 -5.51 2.42
CA LYS A 254 -27.05 -4.76 1.67
C LYS A 254 -26.68 -4.51 0.20
N GLY A 255 -25.39 -4.27 -0.04
CA GLY A 255 -24.93 -4.04 -1.40
C GLY A 255 -24.70 -2.58 -1.74
N ASP A 256 -24.71 -1.68 -0.77
CA ASP A 256 -24.52 -0.27 -1.08
C ASP A 256 -23.08 0.06 -1.45
N THR A 257 -22.14 -0.87 -1.24
CA THR A 257 -20.75 -0.60 -1.62
C THR A 257 -20.46 -1.02 -3.08
N ALA A 258 -21.47 -1.62 -3.73
CA ALA A 258 -21.34 -2.14 -5.07
C ALA A 258 -20.89 -1.17 -6.15
N LEU A 259 -20.00 -1.62 -7.03
CA LEU A 259 -19.51 -0.80 -8.13
C LEU A 259 -19.47 -1.72 -9.35
N PHE A 260 -20.11 -1.30 -10.44
CA PHE A 260 -20.13 -2.11 -11.66
C PHE A 260 -18.70 -2.33 -12.14
N THR A 261 -18.35 -3.59 -12.42
CA THR A 261 -17.00 -3.91 -12.82
C THR A 261 -16.94 -4.75 -14.10
N HIS A 262 -16.03 -4.39 -15.00
CA HIS A 262 -15.83 -5.15 -16.24
C HIS A 262 -14.44 -5.79 -16.19
N MET A 263 -14.39 -7.13 -16.20
CA MET A 263 -13.11 -7.81 -16.24
C MET A 263 -12.84 -8.16 -17.72
N MET A 264 -11.67 -7.76 -18.24
CA MET A 264 -11.36 -8.10 -19.63
C MET A 264 -11.15 -9.64 -19.60
N PRO A 265 -11.47 -10.33 -20.71
CA PRO A 265 -11.36 -11.80 -20.76
C PRO A 265 -10.07 -12.51 -21.11
N PHE A 266 -9.15 -11.80 -21.75
CA PHE A 266 -7.96 -12.44 -22.23
C PHE A 266 -6.64 -12.23 -21.50
N TYR A 267 -5.60 -12.82 -22.07
CA TYR A 267 -4.27 -12.85 -21.50
C TYR A 267 -3.57 -11.50 -21.36
N SER A 268 -3.82 -10.60 -22.30
CA SER A 268 -3.18 -9.30 -22.27
C SER A 268 -4.13 -8.21 -22.71
N TYR A 269 -3.75 -6.95 -22.52
CA TYR A 269 -4.56 -5.83 -23.00
C TYR A 269 -3.96 -5.36 -24.35
N ASP A 270 -2.93 -6.05 -24.85
CA ASP A 270 -2.36 -5.61 -26.13
C ASP A 270 -3.36 -5.90 -27.27
N ILE A 271 -3.11 -5.38 -28.47
CA ILE A 271 -4.06 -5.58 -29.54
C ILE A 271 -4.31 -7.04 -29.90
N PRO A 272 -3.27 -7.89 -29.98
CA PRO A 272 -3.50 -9.31 -30.30
C PRO A 272 -4.48 -10.00 -29.35
N HIS A 273 -4.58 -9.51 -28.12
CA HIS A 273 -5.45 -10.10 -27.11
C HIS A 273 -6.67 -9.26 -26.72
N THR A 274 -7.04 -8.33 -27.59
CA THR A 274 -8.20 -7.51 -27.31
C THR A 274 -9.27 -7.46 -28.41
N CYS A 275 -9.01 -7.96 -29.62
CA CYS A 275 -10.05 -7.92 -30.66
C CYS A 275 -10.95 -9.13 -30.61
N GLY A 276 -10.45 -10.22 -30.02
CA GLY A 276 -11.21 -11.45 -29.93
C GLY A 276 -10.32 -12.58 -29.41
N PRO A 277 -10.79 -13.85 -29.41
CA PRO A 277 -10.04 -15.01 -28.92
C PRO A 277 -8.78 -15.48 -29.60
N ASP A 278 -8.60 -15.12 -30.87
CA ASP A 278 -7.46 -15.59 -31.64
C ASP A 278 -6.42 -14.53 -31.90
N PRO A 279 -5.33 -14.54 -31.12
CA PRO A 279 -4.27 -13.54 -31.31
C PRO A 279 -3.62 -13.57 -32.67
N LYS A 280 -3.65 -14.71 -33.36
CA LYS A 280 -3.03 -14.79 -34.70
C LYS A 280 -3.82 -13.91 -35.64
N VAL A 281 -5.11 -13.80 -35.37
CA VAL A 281 -5.98 -12.97 -36.20
C VAL A 281 -5.94 -11.51 -35.74
N CYS A 282 -6.15 -11.29 -34.44
CA CYS A 282 -6.13 -9.92 -33.90
C CYS A 282 -4.82 -9.19 -34.20
N CYS A 283 -3.70 -9.90 -34.17
CA CYS A 283 -2.43 -9.26 -34.42
C CYS A 283 -2.42 -8.58 -35.80
N GLN A 284 -3.16 -9.15 -36.73
CA GLN A 284 -3.21 -8.58 -38.06
C GLN A 284 -3.95 -7.27 -38.07
N PHE A 285 -4.53 -6.88 -36.94
CA PHE A 285 -5.25 -5.61 -36.90
C PHE A 285 -4.57 -4.60 -35.99
N ASP A 286 -3.30 -4.82 -35.74
CA ASP A 286 -2.48 -3.89 -35.00
C ASP A 286 -1.64 -3.36 -36.17
N PHE A 287 -2.08 -2.26 -36.76
CA PHE A 287 -1.40 -1.75 -37.92
C PHE A 287 -0.02 -1.17 -37.74
N LYS A 288 0.48 -1.18 -36.50
CA LYS A 288 1.81 -0.70 -36.23
C LYS A 288 2.80 -1.85 -36.43
N ARG A 289 2.31 -3.05 -36.73
CA ARG A 289 3.23 -4.17 -36.87
C ARG A 289 3.55 -4.60 -38.30
N MET A 290 3.65 -3.65 -39.23
CA MET A 290 3.92 -4.08 -40.60
C MET A 290 5.41 -4.07 -41.01
N GLY A 291 6.29 -3.50 -40.16
CA GLY A 291 7.72 -3.49 -40.45
C GLY A 291 8.56 -2.23 -40.18
N SER A 292 8.12 -1.10 -40.71
CA SER A 292 8.84 0.16 -40.57
C SER A 292 8.98 0.63 -39.13
N PHE A 293 8.12 0.14 -38.23
CA PHE A 293 8.17 0.50 -36.81
C PHE A 293 9.01 -0.49 -36.00
N GLY A 294 9.56 -1.50 -36.66
CA GLY A 294 10.37 -2.48 -35.93
C GLY A 294 9.55 -3.46 -35.09
N LEU A 295 8.28 -3.65 -35.45
CA LEU A 295 7.42 -4.57 -34.71
C LEU A 295 6.87 -5.60 -35.70
N SER A 296 6.48 -6.76 -35.21
CA SER A 296 5.92 -7.78 -36.10
C SER A 296 5.01 -8.64 -35.26
N CYS A 297 4.31 -9.58 -35.91
CA CYS A 297 3.38 -10.49 -35.26
C CYS A 297 4.05 -11.82 -34.98
N PRO A 298 4.12 -12.19 -33.71
CA PRO A 298 4.77 -13.47 -33.42
C PRO A 298 4.04 -14.69 -34.00
N TRP A 299 2.76 -14.52 -34.37
CA TRP A 299 2.00 -15.63 -34.95
C TRP A 299 2.27 -15.81 -36.45
N LYS A 300 3.24 -15.06 -36.97
CA LYS A 300 3.68 -15.14 -38.37
C LYS A 300 2.77 -14.66 -39.49
N VAL A 301 1.64 -14.03 -39.17
CA VAL A 301 0.77 -13.47 -40.18
C VAL A 301 0.77 -11.99 -39.82
N PRO A 302 1.29 -11.14 -40.71
CA PRO A 302 1.38 -9.69 -40.48
C PRO A 302 0.13 -8.92 -40.82
N PRO A 303 0.02 -7.68 -40.33
CA PRO A 303 -1.20 -6.95 -40.70
C PRO A 303 -1.02 -6.50 -42.16
N ARG A 304 -2.13 -6.22 -42.85
CA ARG A 304 -2.07 -5.73 -44.21
C ARG A 304 -2.91 -4.47 -44.34
N THR A 305 -2.39 -3.47 -45.05
CA THR A 305 -3.12 -2.22 -45.23
C THR A 305 -4.49 -2.53 -45.80
N ILE A 306 -5.54 -1.90 -45.26
CA ILE A 306 -6.89 -2.14 -45.74
C ILE A 306 -7.11 -1.37 -47.03
N SER A 307 -7.78 -2.02 -48.00
CA SER A 307 -8.06 -1.40 -49.29
C SER A 307 -9.44 -1.82 -49.71
N ASP A 308 -9.90 -1.29 -50.84
CA ASP A 308 -11.20 -1.65 -51.33
C ASP A 308 -11.26 -3.10 -51.76
N GLN A 309 -10.11 -3.68 -52.15
CA GLN A 309 -10.04 -5.08 -52.58
C GLN A 309 -9.95 -6.08 -51.44
N ASN A 310 -9.59 -5.66 -50.23
CA ASN A 310 -9.50 -6.67 -49.19
C ASN A 310 -10.35 -6.40 -47.99
N VAL A 311 -11.00 -5.24 -47.96
CA VAL A 311 -11.81 -4.83 -46.80
C VAL A 311 -12.94 -5.79 -46.45
N ALA A 312 -13.56 -6.42 -47.46
CA ALA A 312 -14.65 -7.34 -47.21
C ALA A 312 -14.13 -8.56 -46.49
N ALA A 313 -13.00 -9.09 -46.94
CA ALA A 313 -12.40 -10.26 -46.32
C ALA A 313 -11.79 -9.93 -44.94
N ARG A 314 -11.17 -8.75 -44.83
CA ARG A 314 -10.57 -8.34 -43.56
C ARG A 314 -11.72 -8.13 -42.55
N SER A 315 -12.80 -7.48 -42.99
CA SER A 315 -13.95 -7.25 -42.12
C SER A 315 -14.58 -8.59 -41.69
N ASP A 316 -14.62 -9.57 -42.59
CA ASP A 316 -15.18 -10.89 -42.27
C ASP A 316 -14.43 -11.45 -41.07
N LEU A 317 -13.11 -11.42 -41.14
CA LEU A 317 -12.28 -11.96 -40.06
C LEU A 317 -12.46 -11.21 -38.74
N LEU A 318 -12.43 -9.88 -38.83
CA LEU A 318 -12.54 -9.04 -37.66
C LEU A 318 -13.89 -9.14 -37.02
N VAL A 319 -14.95 -9.01 -37.81
CA VAL A 319 -16.28 -9.11 -37.23
C VAL A 319 -16.47 -10.48 -36.56
N ASP A 320 -15.86 -11.53 -37.09
CA ASP A 320 -16.03 -12.86 -36.47
C ASP A 320 -15.35 -12.90 -35.08
N GLN A 321 -14.18 -12.29 -34.97
CA GLN A 321 -13.49 -12.22 -33.67
C GLN A 321 -14.37 -11.43 -32.70
N TRP A 322 -14.89 -10.30 -33.16
CA TRP A 322 -15.75 -9.46 -32.31
C TRP A 322 -16.97 -10.22 -31.81
N LYS A 323 -17.63 -10.94 -32.71
CA LYS A 323 -18.84 -11.67 -32.28
C LYS A 323 -18.50 -12.78 -31.31
N LYS A 324 -17.33 -13.39 -31.46
CA LYS A 324 -16.93 -14.43 -30.51
C LYS A 324 -16.71 -13.76 -29.15
N LYS A 325 -15.96 -12.64 -29.13
CA LYS A 325 -15.74 -11.94 -27.86
C LYS A 325 -17.08 -11.55 -27.24
N ALA A 326 -18.03 -11.11 -28.07
CA ALA A 326 -19.34 -10.70 -27.56
C ALA A 326 -20.10 -11.85 -26.86
N GLU A 327 -19.82 -13.10 -27.20
CA GLU A 327 -20.52 -14.20 -26.54
C GLU A 327 -20.20 -14.31 -25.06
N LEU A 328 -19.10 -13.72 -24.63
CA LEU A 328 -18.66 -13.80 -23.25
C LEU A 328 -19.34 -12.77 -22.35
N TYR A 329 -20.12 -11.87 -22.95
CA TYR A 329 -20.81 -10.83 -22.20
C TYR A 329 -22.31 -10.86 -22.43
N ARG A 330 -23.05 -10.12 -21.60
CA ARG A 330 -24.51 -10.11 -21.62
C ARG A 330 -25.27 -9.07 -22.44
N THR A 331 -24.62 -7.96 -22.82
CA THR A 331 -25.35 -6.96 -23.61
C THR A 331 -24.90 -6.96 -25.06
N ASN A 332 -25.51 -6.09 -25.87
CA ASN A 332 -25.11 -6.00 -27.27
C ASN A 332 -24.11 -4.86 -27.49
N VAL A 333 -23.44 -4.45 -26.40
CA VAL A 333 -22.44 -3.38 -26.47
C VAL A 333 -21.07 -4.02 -26.17
N LEU A 334 -20.16 -3.92 -27.13
CA LEU A 334 -18.85 -4.56 -27.05
C LEU A 334 -17.66 -3.60 -26.90
N LEU A 335 -16.80 -3.88 -25.93
CA LEU A 335 -15.62 -3.03 -25.69
C LEU A 335 -14.42 -3.65 -26.37
N ILE A 336 -13.76 -2.87 -27.23
CA ILE A 336 -12.57 -3.33 -27.94
C ILE A 336 -11.43 -2.32 -27.69
N PRO A 337 -10.60 -2.57 -26.67
CA PRO A 337 -9.49 -1.66 -26.39
C PRO A 337 -8.53 -1.74 -27.60
N LEU A 338 -7.87 -0.62 -27.93
CA LEU A 338 -6.93 -0.62 -29.06
C LEU A 338 -5.66 0.11 -28.60
N GLY A 339 -4.71 -0.66 -28.10
CA GLY A 339 -3.46 -0.05 -27.62
C GLY A 339 -2.50 -1.02 -26.97
N ASP A 340 -1.38 -0.48 -26.46
CA ASP A 340 -0.34 -1.27 -25.83
C ASP A 340 0.59 -0.27 -25.09
N ASN A 341 1.72 -0.77 -24.61
CA ASN A 341 2.67 0.05 -23.86
C ASN A 341 3.24 1.18 -24.67
N PHE A 342 3.15 2.39 -24.13
CA PHE A 342 3.69 3.57 -24.78
C PHE A 342 3.38 3.67 -26.27
N ARG A 343 2.14 3.36 -26.64
CA ARG A 343 1.70 3.47 -28.02
C ARG A 343 1.26 4.93 -28.35
N PHE A 344 1.00 5.13 -29.64
CA PHE A 344 0.56 6.40 -30.19
C PHE A 344 1.57 7.48 -29.98
N LYS A 345 2.82 7.09 -30.20
CA LYS A 345 3.93 7.99 -30.06
C LYS A 345 4.21 8.83 -31.30
N GLN A 346 4.18 8.19 -32.47
CA GLN A 346 4.47 8.91 -33.70
C GLN A 346 3.25 9.24 -34.51
N ASN A 347 3.28 10.38 -35.21
CA ASN A 347 2.17 10.79 -36.06
C ASN A 347 1.85 9.70 -37.06
N THR A 348 2.88 9.06 -37.63
CA THR A 348 2.62 8.01 -38.60
C THR A 348 1.89 6.83 -37.94
N GLU A 349 2.09 6.65 -36.64
CA GLU A 349 1.38 5.56 -35.95
C GLU A 349 -0.09 5.95 -35.84
N TRP A 350 -0.37 7.20 -35.47
CA TRP A 350 -1.76 7.66 -35.36
C TRP A 350 -2.49 7.45 -36.69
N ASP A 351 -1.84 7.84 -37.78
CA ASP A 351 -2.42 7.70 -39.09
C ASP A 351 -2.69 6.24 -39.48
N VAL A 352 -1.68 5.39 -39.32
CA VAL A 352 -1.83 4.02 -39.74
C VAL A 352 -2.95 3.31 -38.97
N GLN A 353 -3.08 3.56 -37.67
CA GLN A 353 -4.16 2.93 -36.94
C GLN A 353 -5.51 3.57 -37.32
N ARG A 354 -5.60 4.90 -37.29
CA ARG A 354 -6.85 5.56 -37.61
C ARG A 354 -7.41 5.27 -39.01
N VAL A 355 -6.58 5.41 -40.04
CA VAL A 355 -7.05 5.24 -41.40
C VAL A 355 -7.55 3.83 -41.69
N ASN A 356 -6.77 2.82 -41.32
CA ASN A 356 -7.19 1.47 -41.56
C ASN A 356 -8.50 1.14 -40.82
N TYR A 357 -8.62 1.57 -39.56
CA TYR A 357 -9.86 1.32 -38.83
C TYR A 357 -11.05 2.09 -39.42
N GLU A 358 -10.81 3.29 -39.91
CA GLU A 358 -11.92 4.02 -40.53
C GLU A 358 -12.41 3.25 -41.76
N ARG A 359 -11.49 2.68 -42.53
CA ARG A 359 -11.91 1.90 -43.72
C ARG A 359 -12.76 0.71 -43.30
N LEU A 360 -12.35 0.03 -42.22
CA LEU A 360 -13.10 -1.12 -41.74
C LEU A 360 -14.47 -0.69 -41.26
N PHE A 361 -14.53 0.39 -40.48
CA PHE A 361 -15.83 0.85 -40.00
C PHE A 361 -16.76 1.23 -41.17
N GLU A 362 -16.22 1.94 -42.17
CA GLU A 362 -17.10 2.33 -43.26
C GLU A 362 -17.72 1.10 -43.94
N HIS A 363 -16.92 0.10 -44.24
CA HIS A 363 -17.45 -1.09 -44.85
C HIS A 363 -18.42 -1.86 -43.91
N ILE A 364 -17.94 -2.19 -42.72
CA ILE A 364 -18.76 -2.94 -41.79
C ILE A 364 -20.11 -2.33 -41.49
N ASN A 365 -20.13 -1.03 -41.20
CA ASN A 365 -21.37 -0.35 -40.86
C ASN A 365 -22.33 -0.21 -42.05
N SER A 366 -21.81 -0.35 -43.27
CA SER A 366 -22.67 -0.21 -44.45
C SER A 366 -23.11 -1.57 -44.98
N GLN A 367 -22.60 -2.65 -44.39
CA GLN A 367 -22.93 -4.01 -44.78
C GLN A 367 -23.94 -4.57 -43.78
N ALA A 368 -25.22 -4.31 -44.02
CA ALA A 368 -26.28 -4.78 -43.14
C ALA A 368 -26.14 -6.23 -42.64
N HIS A 369 -25.67 -7.13 -43.50
CA HIS A 369 -25.55 -8.52 -43.08
C HIS A 369 -24.66 -8.73 -41.85
N PHE A 370 -23.82 -7.75 -41.49
CA PHE A 370 -22.98 -7.96 -40.30
C PHE A 370 -23.80 -7.61 -39.06
N ASN A 371 -24.76 -6.70 -39.25
CA ASN A 371 -25.61 -6.17 -38.17
C ASN A 371 -24.73 -5.65 -37.03
N VAL A 372 -23.71 -4.88 -37.41
CA VAL A 372 -22.75 -4.28 -36.47
C VAL A 372 -22.64 -2.78 -36.71
N GLN A 373 -22.48 -2.00 -35.65
CA GLN A 373 -22.26 -0.56 -35.79
C GLN A 373 -20.99 -0.32 -34.95
N ALA A 374 -19.87 -0.08 -35.60
CA ALA A 374 -18.61 0.10 -34.92
C ALA A 374 -18.09 1.52 -35.08
N GLN A 375 -17.40 2.00 -34.05
CA GLN A 375 -16.81 3.35 -34.08
C GLN A 375 -15.81 3.52 -32.96
N PHE A 376 -15.00 4.57 -33.05
CA PHE A 376 -14.06 4.85 -32.00
C PHE A 376 -14.90 5.34 -30.81
N GLY A 377 -14.46 5.04 -29.61
CA GLY A 377 -15.22 5.51 -28.45
C GLY A 377 -14.32 5.64 -27.24
N THR A 378 -14.88 6.18 -26.15
CA THR A 378 -14.13 6.29 -24.91
C THR A 378 -14.68 5.22 -23.95
N LEU A 379 -14.02 5.08 -22.81
CA LEU A 379 -14.45 4.10 -21.82
C LEU A 379 -15.84 4.44 -21.27
N GLN A 380 -16.08 5.70 -20.94
CA GLN A 380 -17.39 6.12 -20.40
C GLN A 380 -18.51 5.87 -21.43
N GLU A 381 -18.21 6.05 -22.70
CA GLU A 381 -19.21 5.80 -23.74
C GLU A 381 -19.64 4.34 -23.69
N TYR A 382 -18.67 3.45 -23.54
CA TYR A 382 -18.94 2.04 -23.45
C TYR A 382 -19.85 1.77 -22.26
N PHE A 383 -19.42 2.19 -21.07
CA PHE A 383 -20.23 1.95 -19.88
C PHE A 383 -21.64 2.56 -19.97
N ASP A 384 -21.77 3.78 -20.52
CA ASP A 384 -23.11 4.37 -20.62
C ASP A 384 -24.01 3.52 -21.50
N ALA A 385 -23.46 3.00 -22.59
CA ALA A 385 -24.26 2.20 -23.51
C ALA A 385 -24.65 0.88 -22.81
N VAL A 386 -23.72 0.32 -22.05
CA VAL A 386 -24.00 -0.94 -21.33
C VAL A 386 -25.18 -0.77 -20.39
N HIS A 387 -25.18 0.32 -19.64
CA HIS A 387 -26.24 0.55 -18.68
C HIS A 387 -27.55 0.89 -19.37
N GLN A 388 -27.45 1.52 -20.53
CA GLN A 388 -28.66 1.82 -21.30
C GLN A 388 -29.25 0.44 -21.69
N ALA A 389 -28.41 -0.52 -22.07
CA ALA A 389 -28.94 -1.84 -22.45
C ALA A 389 -29.56 -2.49 -21.22
N GLU A 390 -28.87 -2.33 -20.10
CA GLU A 390 -29.32 -2.85 -18.82
C GLU A 390 -30.71 -2.30 -18.48
N ARG A 391 -30.87 -0.98 -18.55
CA ARG A 391 -32.14 -0.36 -18.25
C ARG A 391 -33.25 -0.78 -19.23
N ALA A 392 -32.88 -1.12 -20.46
CA ALA A 392 -33.88 -1.53 -21.45
C ALA A 392 -34.31 -2.96 -21.15
N GLY A 393 -33.74 -3.52 -20.08
CA GLY A 393 -34.07 -4.87 -19.68
C GLY A 393 -33.42 -5.94 -20.51
N GLN A 394 -32.31 -5.65 -21.19
CA GLN A 394 -31.73 -6.74 -21.94
C GLN A 394 -30.70 -7.57 -21.21
N ALA A 395 -30.36 -7.18 -19.98
CA ALA A 395 -29.40 -7.91 -19.18
C ALA A 395 -29.53 -7.56 -17.71
N GLU A 396 -29.13 -8.49 -16.85
CA GLU A 396 -29.12 -8.28 -15.40
C GLU A 396 -27.74 -8.80 -15.01
N PHE A 397 -27.08 -8.11 -14.10
CA PHE A 397 -25.74 -8.52 -13.76
C PHE A 397 -25.59 -9.23 -12.43
N PRO A 398 -24.70 -10.20 -12.37
CA PRO A 398 -24.46 -10.96 -11.14
C PRO A 398 -23.73 -10.09 -10.11
N THR A 399 -23.86 -10.48 -8.84
CA THR A 399 -23.17 -9.79 -7.78
C THR A 399 -21.91 -10.61 -7.43
N LEU A 400 -20.89 -9.96 -6.91
CA LEU A 400 -19.65 -10.66 -6.57
C LEU A 400 -18.95 -9.99 -5.40
N SER A 401 -18.25 -10.79 -4.58
CA SER A 401 -17.44 -10.26 -3.48
C SER A 401 -16.18 -11.14 -3.49
N GLY A 402 -15.07 -10.62 -2.97
CA GLY A 402 -13.83 -11.36 -2.95
C GLY A 402 -12.72 -10.53 -3.60
N ASP A 403 -11.53 -11.12 -3.76
CA ASP A 403 -10.43 -10.39 -4.41
C ASP A 403 -9.90 -11.23 -5.55
N PHE A 404 -8.86 -10.74 -6.21
CA PHE A 404 -8.25 -11.42 -7.33
C PHE A 404 -6.77 -11.58 -7.19
N PHE A 405 -6.39 -12.21 -6.07
CA PHE A 405 -5.00 -12.55 -5.77
C PHE A 405 -5.05 -14.04 -5.44
N THR A 406 -4.01 -14.81 -5.75
CA THR A 406 -2.79 -14.36 -6.37
C THR A 406 -2.87 -14.68 -7.86
N TYR A 407 -2.55 -13.67 -8.64
CA TYR A 407 -2.52 -13.72 -10.08
C TYR A 407 -1.48 -14.67 -10.69
N ALA A 408 -1.87 -15.33 -11.80
CA ALA A 408 -0.98 -16.18 -12.59
C ALA A 408 -1.40 -15.88 -14.02
N ASP A 409 -0.46 -15.51 -14.87
CA ASP A 409 -0.80 -15.22 -16.28
C ASP A 409 -0.70 -16.48 -17.15
N ARG A 410 0.02 -17.49 -16.67
CA ARG A 410 0.14 -18.76 -17.42
C ARG A 410 0.73 -19.85 -16.53
N SER A 411 0.40 -21.11 -16.86
CA SER A 411 0.83 -22.30 -16.13
C SER A 411 0.93 -22.13 -14.63
N ASP A 412 2.12 -22.30 -14.07
CA ASP A 412 2.32 -22.16 -12.61
C ASP A 412 3.06 -20.85 -12.28
N ASN A 413 3.11 -19.92 -13.23
CA ASN A 413 3.80 -18.65 -13.03
C ASN A 413 2.93 -17.67 -12.20
N TYR A 414 2.95 -17.85 -10.88
CA TYR A 414 2.18 -17.02 -9.96
C TYR A 414 3.03 -15.82 -9.54
N TRP A 415 2.41 -14.64 -9.62
CA TRP A 415 3.10 -13.38 -9.33
C TRP A 415 3.07 -13.00 -7.85
N SER A 416 3.63 -13.85 -6.99
CA SER A 416 3.67 -13.53 -5.58
C SER A 416 5.06 -13.03 -5.11
N GLY A 417 6.04 -13.01 -6.02
CA GLY A 417 7.36 -12.51 -5.66
C GLY A 417 7.36 -11.00 -5.35
N TYR A 418 6.59 -10.24 -6.13
CA TYR A 418 6.55 -8.80 -5.96
C TYR A 418 5.88 -8.39 -4.62
N TYR A 419 5.32 -9.34 -3.87
CA TYR A 419 4.75 -9.00 -2.57
C TYR A 419 5.94 -8.70 -1.63
N THR A 420 7.14 -9.06 -2.06
CA THR A 420 8.37 -8.85 -1.25
C THR A 420 9.53 -8.08 -1.90
N SER A 421 9.64 -8.13 -3.22
CA SER A 421 10.73 -7.47 -3.96
C SER A 421 11.04 -6.07 -3.50
N ARG A 422 12.33 -5.77 -3.33
CA ARG A 422 12.79 -4.44 -2.90
C ARG A 422 12.07 -4.06 -1.61
N PRO A 423 12.24 -4.88 -0.56
CA PRO A 423 11.56 -4.61 0.71
C PRO A 423 12.00 -3.32 1.42
N TYR A 424 13.19 -2.82 1.13
CA TYR A 424 13.63 -1.56 1.76
C TYR A 424 12.64 -0.45 1.43
N HIS A 425 12.28 -0.33 0.14
CA HIS A 425 11.38 0.73 -0.32
C HIS A 425 9.92 0.45 0.06
N LYS A 426 9.59 -0.82 0.27
CA LYS A 426 8.24 -1.17 0.69
C LYS A 426 8.12 -0.66 2.15
N ARG A 427 9.19 -0.75 2.93
CA ARG A 427 9.16 -0.27 4.33
C ARG A 427 9.16 1.27 4.26
N MET A 428 9.98 1.82 3.39
CA MET A 428 10.04 3.26 3.24
C MET A 428 8.67 3.87 2.91
N ASP A 429 7.88 3.12 2.11
CA ASP A 429 6.52 3.55 1.75
C ASP A 429 5.64 3.83 2.97
N ARG A 430 5.70 2.94 3.96
CA ARG A 430 4.90 3.09 5.16
C ARG A 430 5.39 4.21 6.04
N VAL A 431 6.70 4.42 6.03
CA VAL A 431 7.26 5.50 6.82
C VAL A 431 6.78 6.84 6.23
N LEU A 432 6.93 6.99 4.92
CA LEU A 432 6.51 8.23 4.28
C LEU A 432 4.98 8.43 4.40
N MET A 433 4.24 7.34 4.27
CA MET A 433 2.79 7.39 4.43
C MET A 433 2.44 8.15 5.72
N HIS A 434 3.11 7.78 6.80
CA HIS A 434 2.86 8.39 8.11
C HIS A 434 3.36 9.84 8.21
N TYR A 435 4.56 10.11 7.64
CA TYR A 435 5.12 11.46 7.69
C TYR A 435 4.22 12.40 6.93
N VAL A 436 3.70 11.94 5.79
CA VAL A 436 2.80 12.79 5.01
C VAL A 436 1.57 13.12 5.85
N ARG A 437 0.97 12.09 6.43
CA ARG A 437 -0.21 12.36 7.24
C ARG A 437 0.12 13.30 8.42
N ALA A 438 1.25 13.08 9.09
CA ALA A 438 1.59 13.91 10.24
C ALA A 438 1.89 15.38 9.85
N ALA A 439 2.55 15.56 8.70
CA ALA A 439 2.86 16.88 8.21
C ALA A 439 1.57 17.63 7.82
N GLU A 440 0.70 16.97 7.08
CA GLU A 440 -0.54 17.63 6.69
C GLU A 440 -1.40 17.97 7.90
N MET A 441 -1.41 17.10 8.90
CA MET A 441 -2.20 17.33 10.10
C MET A 441 -1.65 18.47 10.98
N LEU A 442 -0.37 18.40 11.30
CA LEU A 442 0.26 19.41 12.15
C LEU A 442 0.17 20.82 11.57
N SER A 443 0.32 20.95 10.25
CA SER A 443 0.26 22.28 9.65
C SER A 443 -1.18 22.74 9.31
N ALA A 444 -2.12 21.80 9.38
CA ALA A 444 -3.53 22.13 9.08
C ALA A 444 -4.11 23.03 10.14
N TRP A 445 -3.59 22.95 11.36
CA TRP A 445 -4.13 23.75 12.44
C TRP A 445 -4.10 25.25 12.19
N HIS A 446 -3.12 25.71 11.43
CA HIS A 446 -2.99 27.12 11.16
C HIS A 446 -3.05 27.36 9.68
N SER A 447 -3.27 28.63 9.33
CA SER A 447 -3.25 29.10 7.95
C SER A 447 -1.82 29.67 7.85
N TRP A 448 -1.11 29.40 6.75
CA TRP A 448 0.27 29.85 6.65
C TRP A 448 0.57 30.85 5.56
N ASP A 449 1.43 31.81 5.88
CA ASP A 449 1.86 32.79 4.91
C ASP A 449 2.56 32.03 3.78
N GLY A 450 2.35 32.45 2.54
CA GLY A 450 2.97 31.78 1.41
C GLY A 450 4.47 31.69 1.53
N MET A 451 5.08 32.62 2.26
CA MET A 451 6.51 32.59 2.42
C MET A 451 6.97 31.39 3.24
N ALA A 452 6.04 30.75 3.94
CA ALA A 452 6.40 29.60 4.75
C ALA A 452 6.68 28.37 3.87
N ARG A 453 6.20 28.44 2.63
CA ARG A 453 6.38 27.34 1.67
C ARG A 453 5.82 26.02 2.20
N ILE A 454 4.73 26.10 2.93
CA ILE A 454 4.11 24.92 3.51
C ILE A 454 3.38 24.12 2.43
N GLU A 455 2.55 24.83 1.67
CA GLU A 455 1.78 24.21 0.59
C GLU A 455 2.72 23.58 -0.42
N GLU A 456 3.81 24.27 -0.69
CA GLU A 456 4.81 23.82 -1.66
C GLU A 456 5.45 22.50 -1.20
N ARG A 457 5.93 22.48 0.05
CA ARG A 457 6.58 21.27 0.53
C ARG A 457 5.61 20.11 0.64
N LEU A 458 4.38 20.37 1.06
CA LEU A 458 3.38 19.30 1.19
C LEU A 458 3.00 18.73 -0.18
N GLU A 459 2.84 19.60 -1.17
CA GLU A 459 2.49 19.12 -2.49
C GLU A 459 3.59 18.20 -3.04
N GLN A 460 4.86 18.61 -2.86
CA GLN A 460 5.95 17.77 -3.35
C GLN A 460 5.93 16.42 -2.61
N ALA A 461 5.69 16.43 -1.29
CA ALA A 461 5.71 15.15 -0.58
C ALA A 461 4.55 14.25 -1.02
N ARG A 462 3.34 14.81 -1.17
CA ARG A 462 2.19 14.01 -1.59
C ARG A 462 2.45 13.39 -2.99
N ARG A 463 3.06 14.19 -3.87
CA ARG A 463 3.35 13.72 -5.22
C ARG A 463 4.43 12.63 -5.34
N GLU A 464 5.49 12.72 -4.56
CA GLU A 464 6.52 11.67 -4.63
C GLU A 464 5.96 10.40 -4.01
N LEU A 465 5.22 10.48 -2.89
CA LEU A 465 4.61 9.27 -2.32
C LEU A 465 3.56 8.70 -3.30
N SER A 466 2.77 9.58 -3.92
CA SER A 466 1.76 9.14 -4.88
C SER A 466 2.42 8.43 -6.06
N LEU A 467 3.52 9.02 -6.54
CA LEU A 467 4.21 8.40 -7.66
C LEU A 467 4.66 6.96 -7.32
N PHE A 468 5.17 6.77 -6.11
CA PHE A 468 5.66 5.45 -5.71
C PHE A 468 4.54 4.40 -5.62
N GLN A 469 3.28 4.83 -5.63
CA GLN A 469 2.18 3.86 -5.58
C GLN A 469 2.03 3.12 -6.91
N HIS A 470 2.73 3.62 -7.93
CA HIS A 470 2.69 3.05 -9.26
C HIS A 470 2.94 1.54 -9.17
N HIS A 471 2.36 0.80 -10.12
CA HIS A 471 2.54 -0.66 -10.11
C HIS A 471 3.96 -1.19 -10.47
N ASP A 472 4.95 -0.29 -10.62
CA ASP A 472 6.35 -0.73 -10.76
C ASP A 472 7.16 0.01 -9.66
N GLY A 473 6.44 0.73 -8.80
CA GLY A 473 7.05 1.47 -7.71
C GLY A 473 7.19 0.59 -6.48
N ILE A 474 6.19 0.67 -5.60
CA ILE A 474 6.18 -0.10 -4.37
C ILE A 474 6.27 -1.63 -4.63
N THR A 475 5.91 -2.07 -5.83
CA THR A 475 5.96 -3.49 -6.21
C THR A 475 7.41 -4.02 -6.28
N GLY A 476 8.38 -3.14 -6.40
CA GLY A 476 9.77 -3.59 -6.50
C GLY A 476 10.03 -4.23 -7.88
N THR A 477 9.32 -3.81 -8.93
CA THR A 477 9.50 -4.40 -10.25
C THR A 477 10.15 -3.46 -11.29
N ALA A 478 10.87 -2.44 -10.83
CA ALA A 478 11.52 -1.50 -11.74
C ALA A 478 13.03 -1.77 -11.84
N LYS A 479 13.68 -1.19 -12.85
CA LYS A 479 15.11 -1.40 -12.97
C LYS A 479 15.82 -0.70 -11.83
N THR A 480 17.05 -1.14 -11.55
CA THR A 480 17.87 -0.60 -10.49
C THR A 480 17.97 0.92 -10.41
N HIS A 481 18.32 1.55 -11.53
CA HIS A 481 18.45 3.00 -11.45
C HIS A 481 17.09 3.71 -11.26
N VAL A 482 15.99 3.02 -11.60
CA VAL A 482 14.65 3.61 -11.44
C VAL A 482 14.27 3.53 -9.94
N VAL A 483 14.56 2.41 -9.31
CA VAL A 483 14.34 2.22 -7.87
C VAL A 483 15.12 3.32 -7.15
N VAL A 484 16.33 3.60 -7.61
CA VAL A 484 17.14 4.64 -6.95
C VAL A 484 16.42 5.98 -7.07
N ASP A 485 15.85 6.22 -8.23
CA ASP A 485 15.13 7.48 -8.46
C ASP A 485 13.92 7.60 -7.52
N TYR A 486 13.16 6.52 -7.35
CA TYR A 486 12.01 6.57 -6.44
C TYR A 486 12.49 6.84 -5.00
N GLU A 487 13.62 6.24 -4.64
CA GLU A 487 14.17 6.42 -3.30
C GLU A 487 14.58 7.88 -3.05
N GLN A 488 15.27 8.48 -4.01
CA GLN A 488 15.71 9.85 -3.84
C GLN A 488 14.50 10.76 -3.76
N ARG A 489 13.48 10.50 -4.58
CA ARG A 489 12.26 11.30 -4.54
C ARG A 489 11.62 11.17 -3.16
N MET A 490 11.48 9.95 -2.66
CA MET A 490 10.88 9.78 -1.33
C MET A 490 11.74 10.42 -0.28
N GLN A 491 13.06 10.36 -0.42
CA GLN A 491 13.94 10.99 0.55
C GLN A 491 13.68 12.51 0.63
N GLU A 492 13.52 13.14 -0.53
CA GLU A 492 13.23 14.57 -0.55
C GLU A 492 11.85 14.77 0.10
N ALA A 493 10.92 13.83 -0.15
CA ALA A 493 9.58 13.94 0.44
C ALA A 493 9.67 13.86 1.98
N LEU A 494 10.50 12.96 2.51
CA LEU A 494 10.63 12.86 3.96
C LEU A 494 11.18 14.19 4.54
N LYS A 495 12.22 14.76 3.92
CA LYS A 495 12.77 16.04 4.37
C LYS A 495 11.72 17.17 4.33
N ALA A 496 10.89 17.17 3.27
CA ALA A 496 9.84 18.18 3.15
C ALA A 496 8.87 18.03 4.35
N CYS A 497 8.45 16.79 4.65
CA CYS A 497 7.55 16.54 5.78
C CYS A 497 8.17 17.02 7.10
N GLN A 498 9.43 16.68 7.31
CA GLN A 498 10.14 17.10 8.52
C GLN A 498 10.10 18.62 8.67
N MET A 499 10.47 19.34 7.61
CA MET A 499 10.47 20.80 7.66
C MET A 499 9.10 21.34 8.08
N VAL A 500 8.03 20.85 7.43
CA VAL A 500 6.68 21.30 7.75
C VAL A 500 6.28 20.95 9.17
N MET A 501 6.57 19.70 9.56
CA MET A 501 6.23 19.25 10.90
C MET A 501 6.93 20.09 11.98
N GLN A 502 8.24 20.29 11.84
CA GLN A 502 8.96 21.04 12.88
C GLN A 502 8.54 22.53 12.92
N GLN A 503 8.26 23.15 11.78
CA GLN A 503 7.78 24.54 11.79
C GLN A 503 6.43 24.56 12.51
N SER A 504 5.61 23.54 12.24
CA SER A 504 4.29 23.45 12.86
C SER A 504 4.39 23.30 14.38
N VAL A 505 5.28 22.43 14.83
CA VAL A 505 5.44 22.23 16.27
C VAL A 505 5.90 23.54 16.93
N TYR A 506 6.85 24.18 16.30
CA TYR A 506 7.35 25.43 16.87
C TYR A 506 6.21 26.45 17.08
N ARG A 507 5.37 26.61 16.07
CA ARG A 507 4.25 27.54 16.17
C ARG A 507 3.17 27.13 17.18
N LEU A 508 2.89 25.83 17.22
CA LEU A 508 1.88 25.32 18.10
C LEU A 508 2.28 25.39 19.56
N LEU A 509 3.56 25.30 19.86
CA LEU A 509 3.96 25.27 21.25
C LEU A 509 4.74 26.50 21.74
N THR A 510 4.62 27.63 21.04
CA THR A 510 5.35 28.83 21.45
C THR A 510 4.35 29.96 21.70
N LYS A 511 4.51 30.65 22.84
CA LYS A 511 3.64 31.79 23.22
C LYS A 511 3.50 32.62 21.97
N PRO A 512 2.27 32.90 21.53
CA PRO A 512 2.05 33.68 20.31
C PRO A 512 2.83 34.99 20.15
N SER A 513 2.88 35.80 21.21
CA SER A 513 3.56 37.08 21.13
C SER A 513 5.07 36.99 21.14
N ILE A 514 5.59 35.77 21.25
CA ILE A 514 7.02 35.54 21.28
C ILE A 514 7.43 34.84 19.96
N TYR A 515 6.51 34.06 19.40
CA TYR A 515 6.74 33.33 18.15
C TYR A 515 7.30 34.24 17.03
N SER A 516 8.52 33.97 16.59
CA SER A 516 9.19 34.79 15.55
C SER A 516 9.86 33.83 14.60
N PRO A 517 9.09 33.26 13.66
CA PRO A 517 9.67 32.29 12.73
C PRO A 517 10.55 32.68 11.56
N ASP A 518 11.57 31.85 11.35
CA ASP A 518 12.46 31.93 10.21
C ASP A 518 12.03 30.64 9.49
N PHE A 519 11.28 30.80 8.41
CA PHE A 519 10.75 29.65 7.69
C PHE A 519 11.79 28.72 7.09
N SER A 520 13.06 29.09 7.13
CA SER A 520 14.08 28.21 6.57
C SER A 520 14.90 27.58 7.70
N PHE A 521 14.59 27.95 8.93
CA PHE A 521 15.33 27.45 10.09
C PHE A 521 14.79 26.13 10.66
N SER A 522 15.68 25.33 11.26
CA SER A 522 15.25 24.06 11.85
C SER A 522 15.16 24.18 13.37
N TYR A 523 13.96 24.45 13.87
CA TYR A 523 13.75 24.56 15.31
C TYR A 523 13.84 23.21 16.01
N PHE A 524 13.45 22.16 15.30
CA PHE A 524 13.51 20.80 15.84
C PHE A 524 14.03 19.85 14.78
N THR A 525 14.63 18.76 15.21
CA THR A 525 15.01 17.74 14.26
C THR A 525 14.20 16.53 14.70
N LEU A 526 13.70 15.79 13.72
CA LEU A 526 12.88 14.62 14.01
C LEU A 526 13.80 13.46 14.45
N ASP A 527 13.37 12.65 15.41
CA ASP A 527 14.18 11.52 15.84
C ASP A 527 13.30 10.30 15.59
N ASP A 528 13.74 9.42 14.69
CA ASP A 528 12.97 8.22 14.33
C ASP A 528 13.83 7.02 14.67
N SER A 529 13.36 6.22 15.63
CA SER A 529 14.12 5.03 16.07
C SER A 529 14.07 3.88 15.09
N ARG A 530 13.09 3.87 14.18
CA ARG A 530 12.98 2.72 13.31
C ARG A 530 13.20 2.94 11.82
N TRP A 531 13.58 4.16 11.44
CA TRP A 531 13.87 4.40 10.03
C TRP A 531 14.94 5.47 9.88
N PRO A 532 16.02 5.19 9.13
CA PRO A 532 16.29 3.92 8.43
C PRO A 532 16.45 2.72 9.36
N GLY A 533 16.68 3.01 10.63
CA GLY A 533 16.83 1.98 11.64
C GLY A 533 18.27 1.75 12.02
N SER A 534 18.46 1.29 13.24
CA SER A 534 19.79 0.99 13.79
C SER A 534 20.44 -0.12 12.94
N GLY A 535 21.65 0.14 12.45
CA GLY A 535 22.32 -0.84 11.62
C GLY A 535 22.04 -0.63 10.13
N VAL A 536 21.11 0.27 9.81
CA VAL A 536 20.79 0.54 8.42
C VAL A 536 21.48 1.86 8.06
N GLU A 537 21.43 2.81 8.99
CA GLU A 537 22.04 4.12 8.80
C GLU A 537 22.17 4.83 10.15
N ASP A 538 23.37 5.34 10.46
CA ASP A 538 23.54 6.05 11.73
C ASP A 538 23.09 7.47 11.44
N SER A 539 21.79 7.71 11.53
CA SER A 539 21.24 9.03 11.20
C SER A 539 20.68 9.83 12.36
N ARG A 540 20.50 9.17 13.49
CA ARG A 540 19.94 9.81 14.67
C ARG A 540 20.92 10.72 15.36
N THR A 541 20.43 11.84 15.84
CA THR A 541 21.31 12.75 16.51
C THR A 541 21.32 12.45 18.00
N THR A 542 22.48 12.58 18.61
CA THR A 542 22.61 12.36 20.03
C THR A 542 22.34 13.68 20.71
N ILE A 543 21.50 13.66 21.76
CA ILE A 543 21.25 14.87 22.53
C ILE A 543 22.51 15.01 23.41
N ILE A 544 23.30 16.05 23.15
CA ILE A 544 24.57 16.28 23.83
C ILE A 544 24.39 17.23 24.99
N LEU A 545 24.54 16.66 26.18
CA LEU A 545 24.38 17.40 27.43
C LEU A 545 25.70 17.35 28.21
N GLY A 546 25.93 18.31 29.09
CA GLY A 546 27.16 18.29 29.84
C GLY A 546 27.23 19.53 30.69
N GLU A 547 27.81 19.42 31.88
CA GLU A 547 27.93 20.57 32.78
C GLU A 547 28.61 21.76 32.11
N ASP A 548 29.57 21.47 31.23
CA ASP A 548 30.29 22.53 30.53
C ASP A 548 29.77 22.85 29.13
N ILE A 549 28.57 22.41 28.81
CA ILE A 549 28.04 22.71 27.48
C ILE A 549 26.52 22.99 27.46
N LEU A 550 25.73 22.12 28.09
CA LEU A 550 24.28 22.27 28.07
C LEU A 550 23.68 21.35 29.12
N PRO A 551 22.97 21.92 30.09
CA PRO A 551 22.39 21.04 31.11
C PRO A 551 21.10 20.27 30.77
N SER A 552 20.29 20.77 29.83
CA SER A 552 19.03 20.10 29.56
C SER A 552 18.57 20.34 28.15
N LYS A 553 17.57 19.58 27.74
CA LYS A 553 17.05 19.67 26.37
C LYS A 553 15.54 19.37 26.32
N HIS A 554 14.79 20.19 25.59
CA HIS A 554 13.35 19.94 25.45
C HIS A 554 13.13 19.02 24.27
N VAL A 555 12.19 18.07 24.40
CA VAL A 555 11.83 17.15 23.31
C VAL A 555 10.31 17.21 23.25
N VAL A 556 9.73 16.96 22.08
CA VAL A 556 8.27 17.03 21.94
C VAL A 556 7.78 15.80 21.16
N MET A 557 6.68 15.20 21.61
CA MET A 557 6.08 14.06 20.92
C MET A 557 4.76 14.49 20.30
N HIS A 558 4.47 13.99 19.10
CA HIS A 558 3.19 14.30 18.45
C HIS A 558 2.43 12.97 18.32
N ASN A 559 1.11 13.02 18.51
CA ASN A 559 0.27 11.84 18.40
C ASN A 559 -0.80 12.13 17.33
N THR A 560 -0.63 11.57 16.12
CA THR A 560 -1.58 11.84 15.03
C THR A 560 -2.95 11.16 15.20
N LEU A 561 -3.01 10.18 16.10
CA LEU A 561 -4.26 9.42 16.35
C LEU A 561 -5.24 10.23 17.19
N PRO A 562 -6.54 10.10 16.92
CA PRO A 562 -7.50 10.88 17.71
C PRO A 562 -7.94 10.36 19.07
N HIS A 563 -6.98 9.89 19.85
CA HIS A 563 -7.27 9.47 21.22
C HIS A 563 -6.00 9.61 22.03
N TRP A 564 -6.15 9.83 23.34
CA TRP A 564 -5.02 9.94 24.23
C TRP A 564 -4.15 8.71 24.00
N ARG A 565 -2.84 8.86 23.96
CA ARG A 565 -2.03 7.68 23.75
C ARG A 565 -0.75 7.68 24.56
N GLU A 566 -0.41 6.54 25.13
CA GLU A 566 0.84 6.43 25.85
C GLU A 566 1.71 5.48 25.02
N GLN A 567 3.00 5.77 24.93
CA GLN A 567 3.93 4.92 24.20
C GLN A 567 5.34 5.22 24.71
N LEU A 568 6.17 4.19 24.82
CA LEU A 568 7.55 4.43 25.23
C LEU A 568 8.26 5.10 24.06
N VAL A 569 9.11 6.08 24.35
CA VAL A 569 9.89 6.75 23.33
C VAL A 569 11.34 6.71 23.79
N ASP A 570 12.28 6.66 22.86
CA ASP A 570 13.68 6.65 23.26
C ASP A 570 14.47 7.71 22.52
N PHE A 571 15.55 8.18 23.14
CA PHE A 571 16.41 9.16 22.52
C PHE A 571 17.84 8.78 22.87
N TYR A 572 18.79 9.19 22.04
CA TYR A 572 20.19 8.97 22.35
C TYR A 572 20.64 10.19 23.13
N VAL A 573 21.41 9.95 24.21
CA VAL A 573 21.95 11.03 25.05
C VAL A 573 23.45 10.76 25.28
N SER A 574 24.24 11.80 25.53
CA SER A 574 25.68 11.66 25.70
C SER A 574 26.13 11.26 27.11
N SER A 575 25.17 10.94 27.97
CA SER A 575 25.48 10.55 29.34
C SER A 575 24.36 9.70 29.86
N PRO A 576 24.69 8.71 30.68
CA PRO A 576 23.65 7.82 31.25
C PRO A 576 22.95 8.49 32.44
N PHE A 577 23.49 9.59 32.94
CA PHE A 577 22.89 10.26 34.10
C PHE A 577 21.93 11.35 33.65
N VAL A 578 20.76 10.91 33.21
CA VAL A 578 19.76 11.83 32.66
C VAL A 578 18.41 11.51 33.24
N SER A 579 17.67 12.55 33.59
CA SER A 579 16.35 12.32 34.13
C SER A 579 15.35 13.08 33.26
N VAL A 580 14.11 12.65 33.32
CA VAL A 580 13.07 13.22 32.52
C VAL A 580 11.99 13.83 33.40
N THR A 581 11.43 14.93 32.95
CA THR A 581 10.34 15.60 33.63
C THR A 581 9.39 16.12 32.54
N ASP A 582 8.15 16.40 32.92
CA ASP A 582 7.21 16.98 31.97
C ASP A 582 7.30 18.50 32.14
N LEU A 583 6.48 19.29 31.46
CA LEU A 583 6.70 20.74 31.64
C LEU A 583 6.20 21.33 32.95
N ALA A 584 5.45 20.56 33.74
CA ALA A 584 4.99 21.01 35.05
C ALA A 584 6.11 20.60 36.03
N ASN A 585 7.16 20.04 35.45
CA ASN A 585 8.31 19.59 36.21
C ASN A 585 8.08 18.34 37.05
N ASN A 586 7.07 17.55 36.72
CA ASN A 586 6.85 16.32 37.44
C ASN A 586 7.85 15.31 36.88
N PRO A 587 8.46 14.49 37.77
CA PRO A 587 9.41 13.51 37.25
C PRO A 587 8.72 12.42 36.47
N VAL A 588 9.41 11.88 35.48
CA VAL A 588 8.88 10.79 34.66
C VAL A 588 9.85 9.61 34.81
N GLU A 589 9.34 8.44 35.17
CA GLU A 589 10.17 7.26 35.32
C GLU A 589 10.86 6.95 33.96
N ALA A 590 12.18 6.77 33.99
CA ALA A 590 12.90 6.52 32.75
C ALA A 590 13.85 5.37 32.94
N GLN A 591 14.26 4.77 31.82
CA GLN A 591 15.22 3.66 31.84
C GLN A 591 16.34 3.99 30.86
N VAL A 592 17.58 3.71 31.24
CA VAL A 592 18.69 3.94 30.34
C VAL A 592 19.26 2.58 29.97
N SER A 593 19.60 2.42 28.71
CA SER A 593 20.15 1.18 28.16
C SER A 593 21.32 1.59 27.26
N PRO A 594 22.22 0.64 26.97
CA PRO A 594 23.37 0.99 26.11
C PRO A 594 22.89 1.10 24.65
N VAL A 595 23.78 1.60 23.79
CA VAL A 595 23.48 1.67 22.36
C VAL A 595 24.33 0.49 21.83
N TRP A 596 23.64 -0.52 21.32
CA TRP A 596 24.27 -1.73 20.81
C TRP A 596 24.22 -1.76 19.28
N SER A 597 25.35 -2.02 18.64
CA SER A 597 25.37 -2.17 17.18
C SER A 597 26.00 -3.51 16.83
N TRP A 598 25.40 -4.20 15.88
CA TRP A 598 25.89 -5.52 15.49
C TRP A 598 26.87 -5.48 14.34
N HIS A 599 27.96 -6.21 14.46
CA HIS A 599 28.96 -6.18 13.41
C HIS A 599 29.30 -7.56 12.89
N HIS A 600 29.42 -7.70 11.57
CA HIS A 600 29.84 -9.01 11.09
C HIS A 600 31.34 -8.91 11.13
N ASP A 601 31.94 -9.53 12.13
CA ASP A 601 33.38 -9.51 12.31
C ASP A 601 34.07 -10.39 11.25
N THR A 602 34.65 -9.78 10.21
CA THR A 602 35.31 -10.55 9.16
C THR A 602 36.54 -11.28 9.65
N LEU A 603 37.04 -10.90 10.82
CA LEU A 603 38.21 -11.57 11.38
C LEU A 603 37.82 -12.83 12.17
N THR A 604 36.99 -12.69 13.21
CA THR A 604 36.57 -13.86 14.00
C THR A 604 35.46 -14.63 13.30
N LYS A 605 34.96 -14.08 12.20
CA LYS A 605 33.86 -14.72 11.45
C LYS A 605 32.65 -14.96 12.34
N THR A 606 32.25 -13.98 13.14
CA THR A 606 31.08 -14.08 14.01
C THR A 606 30.29 -12.77 13.87
N ILE A 607 29.04 -12.76 14.32
CA ILE A 607 28.21 -11.56 14.28
C ILE A 607 27.94 -11.30 15.76
N HIS A 608 28.50 -10.21 16.29
CA HIS A 608 28.38 -9.91 17.72
C HIS A 608 28.16 -8.43 17.94
N PRO A 609 27.59 -8.05 19.10
CA PRO A 609 27.34 -6.64 19.33
C PRO A 609 28.43 -5.86 20.04
N GLN A 610 28.52 -4.57 19.74
CA GLN A 610 29.52 -3.69 20.35
C GLN A 610 28.71 -2.60 21.00
N GLY A 611 29.10 -2.21 22.21
CA GLY A 611 28.37 -1.15 22.88
C GLY A 611 29.09 0.18 22.79
N SER A 612 28.34 1.27 22.70
CA SER A 612 28.93 2.61 22.62
C SER A 612 29.42 2.98 24.03
N THR A 613 30.56 3.67 24.12
CA THR A 613 31.06 4.11 25.41
C THR A 613 30.76 5.61 25.57
N THR A 614 30.14 6.21 24.55
CA THR A 614 29.81 7.64 24.59
C THR A 614 28.34 8.05 24.37
N LYS A 615 27.49 7.12 23.92
CA LYS A 615 26.08 7.45 23.72
C LYS A 615 25.30 6.36 24.41
N TYR A 616 24.11 6.74 24.87
CA TYR A 616 23.23 5.83 25.58
C TYR A 616 21.80 6.09 25.16
N ARG A 617 20.93 5.11 25.40
CA ARG A 617 19.49 5.23 25.07
C ARG A 617 18.69 5.56 26.31
N ILE A 618 17.88 6.60 26.27
CA ILE A 618 17.04 6.88 27.44
C ILE A 618 15.63 6.61 26.96
N ILE A 619 14.87 5.87 27.77
CA ILE A 619 13.51 5.46 27.43
C ILE A 619 12.50 5.88 28.50
N PHE A 620 11.38 6.43 28.09
CA PHE A 620 10.36 6.82 29.04
C PHE A 620 9.02 6.82 28.34
N LYS A 621 7.95 6.73 29.14
CA LYS A 621 6.59 6.72 28.64
C LYS A 621 6.06 8.12 28.36
N ALA A 622 5.76 8.41 27.09
CA ALA A 622 5.19 9.72 26.75
C ALA A 622 3.66 9.60 26.77
N ARG A 623 2.98 10.65 27.19
CA ARG A 623 1.52 10.63 27.21
C ARG A 623 1.10 11.85 26.39
N VAL A 624 0.39 11.61 25.29
CA VAL A 624 0.07 12.70 24.38
C VAL A 624 -1.41 12.83 24.06
N PRO A 625 -1.93 14.07 24.02
CA PRO A 625 -3.35 14.29 23.71
C PRO A 625 -3.75 13.78 22.31
N PRO A 626 -5.06 13.60 22.08
CA PRO A 626 -5.54 13.15 20.78
C PRO A 626 -5.03 14.20 19.79
N MET A 627 -4.46 13.78 18.65
CA MET A 627 -4.01 14.72 17.61
C MET A 627 -3.29 15.91 18.23
N GLY A 628 -2.41 15.62 19.19
CA GLY A 628 -1.75 16.69 19.93
C GLY A 628 -0.26 16.53 20.17
N LEU A 629 0.23 17.33 21.09
CA LEU A 629 1.66 17.39 21.40
C LEU A 629 1.89 17.42 22.92
N ALA A 630 3.03 16.90 23.35
CA ALA A 630 3.36 16.88 24.76
C ALA A 630 4.85 17.12 24.83
N THR A 631 5.25 18.07 25.67
CA THR A 631 6.65 18.46 25.81
C THR A 631 7.29 17.87 27.07
N TYR A 632 8.53 17.40 26.95
CA TYR A 632 9.29 16.85 28.09
C TYR A 632 10.69 17.49 28.09
N VAL A 633 11.40 17.33 29.20
CA VAL A 633 12.75 17.88 29.38
C VAL A 633 13.69 16.79 29.91
N LEU A 634 14.86 16.66 29.28
CA LEU A 634 15.87 15.69 29.70
C LEU A 634 16.96 16.54 30.33
N THR A 635 17.33 16.20 31.56
CA THR A 635 18.31 16.98 32.28
C THR A 635 19.46 16.08 32.72
N ILE A 636 20.71 16.56 32.57
CA ILE A 636 21.85 15.74 32.97
C ILE A 636 22.10 15.94 34.47
N SER A 637 22.66 14.91 35.11
CA SER A 637 22.95 14.95 36.52
C SER A 637 24.39 14.46 36.65
N ASP A 638 25.04 14.73 37.78
CA ASP A 638 26.42 14.27 37.89
C ASP A 638 26.47 12.79 38.29
N SER A 639 25.33 12.24 38.71
CA SER A 639 25.26 10.83 39.11
C SER A 639 23.86 10.26 38.92
N LYS A 640 23.72 8.96 39.12
CA LYS A 640 22.43 8.29 38.95
C LYS A 640 21.25 9.07 39.52
N PRO A 641 20.33 9.53 38.65
CA PRO A 641 19.18 10.27 39.15
C PRO A 641 18.14 9.33 39.76
N GLU A 642 17.35 9.87 40.66
CA GLU A 642 16.34 9.12 41.37
C GLU A 642 15.28 8.39 40.53
N HIS A 643 14.85 8.99 39.41
CA HIS A 643 13.78 8.35 38.62
C HIS A 643 14.22 7.65 37.35
N THR A 644 15.52 7.39 37.26
CA THR A 644 16.07 6.70 36.10
C THR A 644 16.69 5.39 36.60
N SER A 645 16.36 4.28 35.93
CA SER A 645 16.92 2.99 36.26
C SER A 645 17.81 2.59 35.07
N TYR A 646 18.64 1.58 35.29
CA TYR A 646 19.58 1.11 34.28
C TYR A 646 19.37 -0.38 34.01
N ALA A 647 19.32 -0.74 32.74
CA ALA A 647 19.11 -2.12 32.37
C ALA A 647 20.35 -3.00 32.57
N SER A 648 20.14 -4.27 32.87
CA SER A 648 21.27 -5.19 32.99
C SER A 648 21.46 -5.70 31.57
N ASN A 649 22.66 -6.19 31.25
CA ASN A 649 22.92 -6.74 29.91
C ASN A 649 23.66 -8.03 30.06
N LEU A 650 23.23 -9.02 29.29
CA LEU A 650 23.85 -10.36 29.33
C LEU A 650 24.17 -10.84 27.94
N LEU A 651 25.45 -11.07 27.68
CA LEU A 651 25.90 -11.54 26.39
C LEU A 651 26.20 -13.05 26.45
N LEU A 652 25.41 -13.83 25.71
CA LEU A 652 25.56 -15.27 25.71
C LEU A 652 26.24 -15.81 24.46
N ARG A 653 27.43 -16.35 24.70
CA ARG A 653 28.25 -16.91 23.66
C ARG A 653 29.43 -17.60 24.31
N LYS A 654 30.04 -18.51 23.56
CA LYS A 654 31.22 -19.22 24.04
C LYS A 654 32.36 -18.27 23.74
N ASN A 655 33.47 -18.37 24.44
CA ASN A 655 34.58 -17.48 24.10
C ASN A 655 34.20 -16.00 24.08
N PRO A 656 33.73 -15.45 25.22
CA PRO A 656 33.39 -14.04 25.15
C PRO A 656 34.59 -13.16 25.43
N THR A 657 34.48 -11.88 25.08
CA THR A 657 35.50 -10.90 25.35
C THR A 657 34.78 -9.72 26.03
N SER A 658 35.54 -8.90 26.75
CA SER A 658 34.98 -7.76 27.47
C SER A 658 34.18 -6.79 26.57
N LEU A 659 33.22 -6.11 27.20
CA LEU A 659 32.34 -5.14 26.52
C LEU A 659 32.19 -3.97 27.47
N PRO A 660 33.14 -3.03 27.43
CA PRO A 660 33.09 -1.85 28.30
C PRO A 660 31.99 -0.88 27.83
N LEU A 661 31.40 -0.12 28.75
CA LEU A 661 30.33 0.80 28.34
C LEU A 661 30.50 2.23 28.89
N GLY A 662 31.72 2.72 28.91
CA GLY A 662 31.96 4.06 29.41
C GLY A 662 31.34 4.29 30.77
N GLN A 663 30.55 5.36 30.90
CA GLN A 663 29.96 5.63 32.19
C GLN A 663 28.77 4.77 32.58
N TYR A 664 28.28 3.94 31.68
CA TYR A 664 27.15 3.10 32.02
C TYR A 664 27.42 2.44 33.38
N PRO A 665 26.52 2.63 34.35
CA PRO A 665 26.65 2.08 35.71
C PRO A 665 26.55 0.57 35.97
N GLU A 666 26.15 -0.20 34.98
CA GLU A 666 25.99 -1.63 35.18
C GLU A 666 26.92 -2.39 34.24
N ASP A 667 27.76 -3.26 34.82
CA ASP A 667 28.72 -4.06 34.04
C ASP A 667 28.01 -5.17 33.26
N VAL A 668 28.39 -5.34 32.01
CA VAL A 668 27.81 -6.40 31.21
C VAL A 668 28.23 -7.74 31.80
N LYS A 669 27.29 -8.70 31.80
CA LYS A 669 27.51 -10.05 32.31
C LYS A 669 27.65 -11.00 31.11
N PHE A 670 28.35 -12.12 31.28
CA PHE A 670 28.53 -13.10 30.20
C PHE A 670 28.10 -14.53 30.59
N GLY A 671 27.95 -15.39 29.60
CA GLY A 671 27.58 -16.78 29.87
C GLY A 671 27.50 -17.62 28.62
N ASP A 672 27.48 -18.94 28.76
CA ASP A 672 27.34 -19.81 27.60
C ASP A 672 25.86 -19.74 27.16
N PRO A 673 25.58 -20.00 25.87
CA PRO A 673 24.20 -19.96 25.38
C PRO A 673 23.33 -20.83 26.27
N ARG A 674 22.11 -20.39 26.52
CA ARG A 674 21.18 -21.13 27.35
C ARG A 674 19.76 -20.57 27.15
N GLU A 675 18.75 -21.37 27.46
CA GLU A 675 17.40 -20.87 27.31
C GLU A 675 17.16 -19.76 28.34
N ILE A 676 16.28 -18.82 28.00
CA ILE A 676 15.99 -17.72 28.91
C ILE A 676 14.52 -17.37 28.84
N SER A 677 14.04 -16.74 29.92
CA SER A 677 12.65 -16.30 30.03
C SER A 677 12.68 -14.87 30.51
N LEU A 678 11.74 -14.08 30.04
CA LEU A 678 11.65 -12.69 30.44
C LEU A 678 10.20 -12.28 30.61
N ARG A 679 10.00 -11.33 31.50
CA ARG A 679 8.68 -10.79 31.71
C ARG A 679 8.79 -9.30 32.03
N VAL A 680 8.12 -8.44 31.26
CA VAL A 680 8.14 -7.01 31.57
C VAL A 680 6.75 -6.64 32.11
N GLY A 681 6.74 -5.79 33.14
CA GLY A 681 5.49 -5.35 33.74
C GLY A 681 4.65 -6.55 34.14
N ASN A 682 3.34 -6.49 33.89
CA ASN A 682 2.45 -7.61 34.18
C ASN A 682 2.18 -8.31 32.86
N GLY A 683 2.93 -7.92 31.84
CA GLY A 683 2.72 -8.48 30.52
C GLY A 683 2.93 -9.97 30.45
N PRO A 684 3.01 -10.49 29.21
CA PRO A 684 3.23 -11.93 29.05
C PRO A 684 4.66 -12.30 29.43
N THR A 685 4.90 -13.59 29.63
CA THR A 685 6.24 -14.07 29.93
C THR A 685 6.63 -14.83 28.67
N LEU A 686 7.81 -14.54 28.16
CA LEU A 686 8.25 -15.17 26.94
C LEU A 686 9.49 -16.00 27.19
N ALA A 687 9.54 -17.17 26.56
CA ALA A 687 10.67 -18.07 26.68
C ALA A 687 11.37 -18.16 25.34
N PHE A 688 12.70 -18.15 25.40
CA PHE A 688 13.52 -18.22 24.21
C PHE A 688 14.45 -19.42 24.27
N SER A 689 14.80 -19.93 23.10
CA SER A 689 15.71 -21.05 22.98
C SER A 689 17.13 -20.48 23.15
N GLU A 690 18.10 -21.37 23.26
CA GLU A 690 19.46 -20.94 23.46
C GLU A 690 20.00 -20.22 22.21
N GLN A 691 19.22 -20.23 21.12
CA GLN A 691 19.62 -19.48 19.92
C GLN A 691 18.95 -18.11 19.87
N GLY A 692 18.31 -17.72 20.95
CA GLY A 692 17.68 -16.40 20.99
C GLY A 692 16.37 -16.27 20.26
N LEU A 693 15.75 -17.40 19.94
CA LEU A 693 14.45 -17.36 19.23
C LEU A 693 13.28 -17.71 20.13
N LEU A 694 12.18 -17.01 19.94
CA LEU A 694 11.01 -17.26 20.76
C LEU A 694 10.66 -18.74 20.71
N LYS A 695 10.22 -19.25 21.86
CA LYS A 695 9.85 -20.64 22.05
C LYS A 695 8.41 -20.73 22.60
N SER A 696 8.04 -19.83 23.48
CA SER A 696 6.69 -19.90 24.04
C SER A 696 6.25 -18.59 24.64
N ILE A 697 4.95 -18.43 24.78
CA ILE A 697 4.37 -17.23 25.35
C ILE A 697 3.39 -17.64 26.44
N GLN A 698 3.54 -17.04 27.61
CA GLN A 698 2.64 -17.31 28.70
C GLN A 698 1.91 -16.02 28.99
N LEU A 699 0.62 -15.98 28.69
CA LEU A 699 -0.14 -14.75 28.86
C LEU A 699 -0.26 -14.23 30.28
N THR A 700 -0.53 -15.12 31.23
CA THR A 700 -0.69 -14.71 32.61
C THR A 700 0.08 -15.60 33.56
N GLN A 701 0.21 -15.16 34.81
CA GLN A 701 0.91 -15.90 35.86
C GLN A 701 0.63 -17.40 35.83
N ASP A 702 -0.65 -17.73 35.83
CA ASP A 702 -1.11 -19.13 35.83
C ASP A 702 -1.12 -19.90 34.50
N SER A 703 -1.66 -19.24 33.46
CA SER A 703 -1.79 -19.82 32.12
C SER A 703 -0.60 -20.64 31.65
N PRO A 704 -0.81 -21.51 30.66
CA PRO A 704 0.29 -22.33 30.15
C PRO A 704 1.25 -21.54 29.25
N HIS A 705 2.41 -22.15 29.03
CA HIS A 705 3.44 -21.60 28.16
C HIS A 705 3.03 -22.11 26.78
N VAL A 706 2.32 -21.29 26.02
CA VAL A 706 1.86 -21.66 24.70
C VAL A 706 2.99 -21.73 23.68
N PRO A 707 3.23 -22.90 23.07
CA PRO A 707 4.28 -23.08 22.07
C PRO A 707 4.16 -22.11 20.87
N VAL A 708 5.11 -21.17 20.75
CA VAL A 708 5.13 -20.21 19.64
C VAL A 708 6.62 -20.12 19.28
N HIS A 709 7.00 -20.70 18.16
CA HIS A 709 8.42 -20.73 17.82
C HIS A 709 8.74 -19.95 16.55
N PHE A 710 9.76 -19.11 16.59
CA PHE A 710 10.21 -18.38 15.41
C PHE A 710 11.30 -19.24 14.79
N LYS A 711 11.32 -19.31 13.46
CA LYS A 711 12.33 -20.08 12.75
C LYS A 711 12.59 -19.34 11.46
N PHE A 712 13.82 -19.40 10.96
CA PHE A 712 14.16 -18.75 9.71
C PHE A 712 14.55 -19.81 8.71
N LEU A 713 14.00 -19.68 7.51
CA LEU A 713 14.29 -20.64 6.46
C LEU A 713 14.64 -19.97 5.14
N LYS A 714 15.03 -20.76 4.15
CA LYS A 714 15.35 -20.22 2.85
C LYS A 714 14.78 -21.05 1.71
N TYR A 715 14.24 -20.33 0.71
CA TYR A 715 13.70 -20.92 -0.49
C TYR A 715 14.78 -20.70 -1.53
N GLY A 716 14.86 -21.61 -2.49
CA GLY A 716 15.83 -21.48 -3.58
C GLY A 716 15.13 -21.17 -4.89
N VAL A 717 15.84 -21.42 -5.98
CA VAL A 717 15.33 -21.19 -7.32
C VAL A 717 15.52 -22.49 -8.11
N ARG A 718 14.66 -22.74 -9.08
CA ARG A 718 14.76 -23.98 -9.86
C ARG A 718 15.96 -23.99 -10.80
N SER A 719 16.67 -25.13 -10.89
CA SER A 719 17.83 -25.23 -11.79
C SER A 719 17.40 -25.46 -13.24
N HIS A 720 16.18 -25.92 -13.46
CA HIS A 720 15.71 -26.11 -14.82
C HIS A 720 14.26 -25.58 -14.83
N GLY A 721 13.82 -25.04 -15.95
CA GLY A 721 12.46 -24.53 -15.98
C GLY A 721 12.45 -23.04 -15.70
N ASP A 722 11.28 -22.51 -15.33
CA ASP A 722 11.12 -21.08 -15.08
C ASP A 722 11.80 -20.63 -13.79
N ARG A 723 12.47 -19.49 -13.88
CA ARG A 723 13.18 -18.88 -12.75
C ARG A 723 12.42 -17.77 -12.03
N SER A 724 12.55 -17.74 -10.72
CA SER A 724 11.94 -16.70 -9.92
C SER A 724 12.64 -15.38 -10.30
N GLY A 725 11.89 -14.27 -10.27
CA GLY A 725 12.44 -12.96 -10.56
C GLY A 725 11.72 -11.91 -9.72
N ALA A 726 11.75 -10.64 -10.15
CA ALA A 726 11.09 -9.55 -9.40
C ALA A 726 9.58 -9.79 -9.26
N TYR A 727 8.97 -10.40 -10.29
CA TYR A 727 7.53 -10.67 -10.27
C TYR A 727 7.16 -12.05 -9.74
N LEU A 728 7.82 -13.07 -10.31
CA LEU A 728 7.48 -14.45 -9.97
C LEU A 728 8.17 -15.13 -8.77
N PHE A 729 7.40 -15.91 -8.02
CA PHE A 729 7.96 -16.70 -6.93
C PHE A 729 7.82 -18.17 -7.44
N LEU A 730 8.93 -18.80 -7.83
CA LEU A 730 8.98 -20.17 -8.35
C LEU A 730 9.96 -20.97 -7.52
N PRO A 731 9.60 -21.29 -6.27
CA PRO A 731 10.47 -22.05 -5.38
C PRO A 731 10.86 -23.44 -5.85
N ASN A 732 12.06 -23.87 -5.49
CA ASN A 732 12.47 -25.22 -5.83
C ASN A 732 12.12 -26.07 -4.62
N GLY A 733 10.84 -26.08 -4.26
CA GLY A 733 10.35 -26.87 -3.15
C GLY A 733 10.18 -26.07 -1.86
N PRO A 734 9.69 -26.72 -0.79
CA PRO A 734 9.49 -26.12 0.54
C PRO A 734 10.82 -25.58 1.04
N ALA A 735 10.77 -24.60 1.94
CA ALA A 735 11.97 -23.99 2.46
C ALA A 735 12.79 -24.92 3.35
N SER A 736 14.11 -24.68 3.42
CA SER A 736 15.03 -25.45 4.23
C SER A 736 15.49 -24.56 5.37
N PRO A 737 15.69 -25.12 6.56
CA PRO A 737 16.12 -24.25 7.66
C PRO A 737 17.47 -23.55 7.41
N VAL A 738 17.60 -22.32 7.89
CA VAL A 738 18.86 -21.60 7.78
C VAL A 738 19.75 -22.25 8.87
N GLU A 739 20.97 -22.63 8.54
CA GLU A 739 21.86 -23.23 9.55
C GLU A 739 22.34 -22.08 10.40
N LEU A 740 22.04 -22.15 11.69
CA LEU A 740 22.37 -21.08 12.61
C LEU A 740 23.71 -21.09 13.30
N GLY A 741 24.44 -22.21 13.25
CA GLY A 741 25.72 -22.26 13.93
C GLY A 741 25.44 -22.06 15.41
N GLN A 742 26.34 -21.40 16.15
CA GLN A 742 26.07 -21.14 17.58
C GLN A 742 26.03 -19.62 17.66
N PRO A 743 24.88 -19.01 17.36
CA PRO A 743 24.76 -17.54 17.38
C PRO A 743 24.93 -16.80 18.70
N VAL A 744 25.41 -15.56 18.60
CA VAL A 744 25.59 -14.73 19.78
C VAL A 744 24.25 -14.10 20.16
N VAL A 745 23.86 -14.25 21.43
CA VAL A 745 22.60 -13.72 21.91
C VAL A 745 22.82 -12.66 22.98
N LEU A 746 22.19 -11.52 22.78
CA LEU A 746 22.29 -10.42 23.73
C LEU A 746 20.96 -10.20 24.46
N VAL A 747 20.99 -10.24 25.79
CA VAL A 747 19.77 -10.06 26.54
C VAL A 747 19.85 -8.77 27.36
N THR A 748 18.91 -7.87 27.16
CA THR A 748 18.91 -6.64 27.95
C THR A 748 17.64 -6.69 28.78
N LYS A 749 17.76 -6.51 30.08
CA LYS A 749 16.58 -6.57 30.93
C LYS A 749 16.41 -5.28 31.68
N GLY A 750 15.27 -4.65 31.45
CA GLY A 750 15.00 -3.37 32.09
C GLY A 750 13.63 -3.37 32.69
N LYS A 751 13.36 -2.37 33.49
CA LYS A 751 12.07 -2.26 34.11
C LYS A 751 11.00 -1.80 33.11
N LEU A 752 11.37 -0.99 32.14
CA LEU A 752 10.40 -0.50 31.16
C LEU A 752 10.46 -1.27 29.85
N GLU A 753 11.67 -1.76 29.52
CA GLU A 753 11.88 -2.47 28.28
C GLU A 753 13.01 -3.52 28.38
N SER A 754 12.71 -4.72 27.91
CA SER A 754 13.70 -5.78 27.87
C SER A 754 13.70 -6.25 26.43
N SER A 755 14.74 -6.97 26.03
CA SER A 755 14.77 -7.50 24.70
C SER A 755 15.80 -8.63 24.58
N VAL A 756 15.63 -9.44 23.54
CA VAL A 756 16.57 -10.51 23.26
C VAL A 756 16.90 -10.34 21.78
N SER A 757 18.19 -10.19 21.49
CA SER A 757 18.67 -9.99 20.13
C SER A 757 19.68 -11.06 19.77
N VAL A 758 19.63 -11.56 18.54
CA VAL A 758 20.60 -12.56 18.12
C VAL A 758 21.06 -12.31 16.69
N GLY A 759 22.36 -12.49 16.46
CA GLY A 759 22.98 -12.30 15.17
C GLY A 759 22.97 -13.62 14.39
N LEU A 760 21.99 -13.74 13.52
CA LEU A 760 21.83 -14.93 12.69
C LEU A 760 22.35 -14.60 11.31
N PRO A 761 22.59 -15.63 10.48
CA PRO A 761 23.08 -15.35 9.12
C PRO A 761 22.00 -14.59 8.38
N SER A 762 22.37 -13.40 7.91
CA SER A 762 21.48 -12.53 7.15
C SER A 762 20.47 -11.74 7.97
N VAL A 763 20.36 -12.02 9.26
CA VAL A 763 19.36 -11.35 10.09
C VAL A 763 19.72 -11.12 11.55
N VAL A 764 19.64 -9.89 12.04
CA VAL A 764 19.82 -9.65 13.45
C VAL A 764 18.35 -9.59 13.84
N HIS A 765 17.91 -10.61 14.58
CA HIS A 765 16.52 -10.83 15.00
C HIS A 765 16.37 -10.30 16.41
N GLN A 766 15.36 -9.46 16.65
CA GLN A 766 15.22 -8.88 17.99
C GLN A 766 13.82 -8.94 18.49
N THR A 767 13.63 -9.43 19.72
CA THR A 767 12.32 -9.48 20.34
C THR A 767 12.32 -8.47 21.49
N ILE A 768 11.46 -7.46 21.38
CA ILE A 768 11.41 -6.41 22.38
C ILE A 768 10.13 -6.45 23.18
N MET A 769 10.28 -6.32 24.50
CA MET A 769 9.15 -6.36 25.41
C MET A 769 8.99 -5.08 26.24
N ARG A 770 7.79 -4.54 26.24
CA ARG A 770 7.51 -3.34 26.99
C ARG A 770 6.27 -3.49 27.86
N GLY A 771 5.79 -4.71 28.02
CA GLY A 771 4.62 -4.90 28.85
C GLY A 771 3.42 -5.50 28.16
N GLY A 772 3.41 -5.48 26.82
CA GLY A 772 2.30 -6.06 26.11
C GLY A 772 2.82 -6.99 25.01
N ALA A 773 2.08 -7.09 23.93
CA ALA A 773 2.51 -7.93 22.84
C ALA A 773 3.92 -7.44 22.49
N PRO A 774 4.84 -8.37 22.29
CA PRO A 774 6.20 -7.96 21.96
C PRO A 774 6.30 -7.35 20.54
N GLU A 775 7.36 -6.59 20.32
CA GLU A 775 7.65 -6.01 19.03
C GLU A 775 8.80 -6.85 18.49
N ILE A 776 8.77 -7.15 17.20
CA ILE A 776 9.85 -7.93 16.62
C ILE A 776 10.52 -7.02 15.59
N ARG A 777 11.84 -6.98 15.58
CA ARG A 777 12.56 -6.21 14.55
C ARG A 777 13.59 -7.12 13.90
N ASN A 778 13.61 -7.12 12.58
CA ASN A 778 14.60 -7.89 11.86
C ASN A 778 15.48 -6.97 11.02
N LEU A 779 16.79 -6.96 11.31
CA LEU A 779 17.70 -6.17 10.48
C LEU A 779 18.14 -7.19 9.41
N VAL A 780 17.52 -7.09 8.24
CA VAL A 780 17.79 -8.03 7.15
C VAL A 780 18.83 -7.59 6.12
N ASP A 781 19.91 -8.36 6.02
CA ASP A 781 20.97 -8.11 5.05
C ASP A 781 21.26 -9.43 4.36
N ILE A 782 20.57 -9.66 3.26
CA ILE A 782 20.71 -10.89 2.48
C ILE A 782 22.07 -10.92 1.75
N GLY A 783 22.86 -9.86 1.94
CA GLY A 783 24.21 -9.80 1.37
C GLY A 783 24.36 -10.32 -0.03
N SER A 784 25.24 -11.29 -0.24
CA SER A 784 25.40 -11.80 -1.59
C SER A 784 24.88 -13.25 -1.79
N LEU A 785 23.94 -13.68 -0.95
CA LEU A 785 23.39 -15.01 -1.10
C LEU A 785 22.47 -15.01 -2.32
N ASP A 786 23.03 -15.27 -3.48
CA ASP A 786 22.21 -15.29 -4.69
C ASP A 786 21.15 -16.39 -4.73
N ASN A 787 20.08 -16.09 -5.46
CA ASN A 787 18.96 -17.01 -5.62
C ASN A 787 18.51 -17.59 -4.31
N THR A 788 18.27 -16.70 -3.35
CA THR A 788 17.82 -17.10 -2.04
C THR A 788 16.66 -16.19 -1.60
N GLU A 789 15.69 -16.74 -0.90
CA GLU A 789 14.57 -15.94 -0.38
C GLU A 789 14.53 -16.34 1.09
N ILE A 790 14.69 -15.37 1.99
CA ILE A 790 14.66 -15.62 3.42
C ILE A 790 13.24 -15.41 3.97
N VAL A 791 12.75 -16.42 4.69
CA VAL A 791 11.42 -16.37 5.24
C VAL A 791 11.48 -16.52 6.74
N MET A 792 10.55 -15.86 7.42
CA MET A 792 10.47 -15.94 8.87
C MET A 792 9.16 -16.69 9.12
N ARG A 793 9.25 -17.77 9.87
CA ARG A 793 8.08 -18.60 10.15
C ARG A 793 7.79 -18.72 11.64
N LEU A 794 6.50 -18.86 11.94
CA LEU A 794 6.01 -19.09 13.31
C LEU A 794 5.35 -20.48 13.30
N GLU A 795 5.75 -21.34 14.23
CA GLU A 795 5.18 -22.68 14.38
C GLU A 795 4.43 -22.69 15.72
N THR A 796 3.14 -23.05 15.66
CA THR A 796 2.33 -23.13 16.86
C THR A 796 1.56 -24.44 16.74
N HIS A 797 0.77 -24.72 17.77
CA HIS A 797 -0.05 -25.90 17.79
C HIS A 797 -1.53 -25.52 17.59
N ILE A 798 -1.75 -24.27 17.18
CA ILE A 798 -3.11 -23.77 16.90
C ILE A 798 -3.67 -24.64 15.79
N ASP A 799 -4.90 -25.09 15.98
CA ASP A 799 -5.54 -25.98 15.03
C ASP A 799 -6.31 -25.18 13.96
N SER A 800 -5.57 -24.48 13.10
CA SER A 800 -6.15 -23.65 12.04
C SER A 800 -6.47 -24.42 10.76
N GLY A 801 -5.91 -25.62 10.61
CA GLY A 801 -6.21 -26.43 9.44
C GLY A 801 -5.68 -25.78 8.20
N ASP A 802 -6.56 -25.47 7.24
CA ASP A 802 -6.14 -24.84 5.99
C ASP A 802 -6.62 -23.37 5.87
N ILE A 803 -7.04 -22.81 6.99
CA ILE A 803 -7.54 -21.44 7.01
C ILE A 803 -6.57 -20.44 7.64
N PHE A 804 -6.44 -19.27 7.03
CA PHE A 804 -5.66 -18.18 7.62
C PHE A 804 -6.27 -16.86 7.09
N TYR A 805 -5.87 -15.75 7.68
CA TYR A 805 -6.39 -14.44 7.27
C TYR A 805 -5.24 -13.50 6.96
N THR A 806 -5.41 -12.67 5.93
CA THR A 806 -4.43 -11.66 5.55
C THR A 806 -5.22 -10.38 5.24
N ASP A 807 -4.59 -9.21 5.34
CA ASP A 807 -5.33 -7.99 5.07
C ASP A 807 -5.22 -7.52 3.62
N LEU A 808 -6.15 -6.65 3.23
CA LEU A 808 -6.12 -6.07 1.90
C LEU A 808 -5.93 -4.56 2.10
N ASN A 809 -4.74 -4.09 1.71
CA ASN A 809 -4.38 -2.68 1.77
C ASN A 809 -4.56 -2.05 3.13
N GLY A 810 -4.32 -2.79 4.21
CA GLY A 810 -4.49 -2.21 5.54
C GLY A 810 -5.92 -1.76 5.83
N LEU A 811 -6.86 -2.24 5.04
CA LEU A 811 -8.26 -1.84 5.19
C LEU A 811 -9.20 -2.91 5.74
N GLN A 812 -8.97 -4.17 5.39
CA GLN A 812 -9.85 -5.23 5.82
C GLN A 812 -9.09 -6.53 5.83
N PHE A 813 -9.62 -7.51 6.57
CA PHE A 813 -8.99 -8.82 6.61
C PHE A 813 -9.88 -9.80 5.89
N ILE A 814 -9.27 -10.55 5.00
CA ILE A 814 -10.00 -11.49 4.19
C ILE A 814 -9.56 -12.93 4.51
N LYS A 815 -10.54 -13.82 4.55
CA LYS A 815 -10.28 -15.22 4.84
C LYS A 815 -9.63 -15.89 3.66
N ARG A 816 -8.52 -16.59 3.94
CA ARG A 816 -7.78 -17.31 2.90
C ARG A 816 -7.89 -18.80 3.19
N ARG A 817 -7.84 -19.63 2.16
CA ARG A 817 -7.87 -21.08 2.36
C ARG A 817 -6.71 -21.68 1.54
N ARG A 818 -5.75 -22.29 2.24
CA ARG A 818 -4.59 -22.91 1.61
C ARG A 818 -5.14 -24.03 0.71
N LEU A 819 -4.74 -24.07 -0.55
CA LEU A 819 -5.26 -25.08 -1.46
C LEU A 819 -4.12 -25.95 -1.94
N ASP A 820 -4.13 -27.21 -1.53
CA ASP A 820 -3.04 -28.09 -1.94
C ASP A 820 -3.14 -28.44 -3.41
N LYS A 821 -4.28 -28.17 -4.04
CA LYS A 821 -4.38 -28.46 -5.48
C LYS A 821 -3.59 -27.38 -6.24
N LEU A 822 -3.11 -26.35 -5.54
CA LEU A 822 -2.33 -25.31 -6.20
C LEU A 822 -0.88 -25.37 -5.69
N PRO A 823 0.07 -24.93 -6.52
CA PRO A 823 1.48 -24.94 -6.11
C PRO A 823 1.74 -23.96 -4.96
N LEU A 824 2.83 -24.22 -4.24
CA LEU A 824 3.19 -23.41 -3.07
C LEU A 824 3.07 -21.88 -3.28
N GLN A 825 3.63 -21.40 -4.39
CA GLN A 825 3.67 -19.98 -4.65
C GLN A 825 2.30 -19.35 -4.81
N ALA A 826 1.32 -20.19 -5.14
CA ALA A 826 -0.06 -19.71 -5.33
C ALA A 826 -0.70 -19.51 -3.95
N ASN A 827 -0.19 -20.18 -2.92
CA ASN A 827 -0.77 -19.99 -1.60
C ASN A 827 -0.14 -18.81 -0.88
N TYR A 828 0.73 -18.09 -1.59
CA TYR A 828 1.33 -16.87 -1.03
C TYR A 828 0.39 -15.71 -1.38
N TYR A 829 0.18 -14.82 -0.40
CA TYR A 829 -0.68 -13.65 -0.54
C TYR A 829 0.04 -12.38 -0.03
N PRO A 830 -0.47 -11.20 -0.43
CA PRO A 830 0.19 -9.99 0.05
C PRO A 830 -0.12 -9.91 1.55
N ILE A 831 0.83 -9.43 2.33
CA ILE A 831 0.60 -9.21 3.78
C ILE A 831 0.91 -7.70 3.90
N PRO A 832 -0.03 -6.84 3.46
CA PRO A 832 0.26 -5.40 3.54
C PRO A 832 0.39 -4.82 4.92
N SER A 833 -0.28 -5.43 5.90
CA SER A 833 -0.14 -4.91 7.26
C SER A 833 -0.40 -5.97 8.35
N GLY A 834 -0.93 -7.14 7.98
CA GLY A 834 -1.17 -8.15 9.00
C GLY A 834 -1.75 -9.47 8.53
N MET A 835 -1.54 -10.48 9.36
CA MET A 835 -2.04 -11.82 9.07
C MET A 835 -2.30 -12.56 10.40
N PHE A 836 -3.21 -13.53 10.38
CA PHE A 836 -3.43 -14.31 11.59
C PHE A 836 -4.03 -15.68 11.31
N ILE A 837 -3.89 -16.56 12.30
CA ILE A 837 -4.47 -17.89 12.25
C ILE A 837 -5.18 -18.07 13.58
N GLU A 838 -6.16 -18.95 13.60
CA GLU A 838 -6.88 -19.20 14.84
C GLU A 838 -7.65 -20.52 14.85
N ASP A 839 -8.04 -20.94 16.04
CA ASP A 839 -8.92 -22.10 16.14
C ASP A 839 -10.04 -21.63 17.04
N ALA A 840 -10.77 -22.55 17.66
CA ALA A 840 -11.88 -22.14 18.48
C ALA A 840 -11.46 -21.31 19.70
N ASN A 841 -10.26 -21.56 20.20
CA ASN A 841 -9.81 -20.89 21.42
C ASN A 841 -8.67 -19.88 21.36
N THR A 842 -7.79 -20.08 20.42
CA THR A 842 -6.60 -19.25 20.34
C THR A 842 -6.34 -18.65 18.97
N ARG A 843 -5.78 -17.45 19.01
CA ARG A 843 -5.41 -16.75 17.78
C ARG A 843 -3.99 -16.19 17.92
N LEU A 844 -3.25 -16.21 16.82
CA LEU A 844 -1.92 -15.60 16.80
C LEU A 844 -1.98 -14.62 15.64
N THR A 845 -1.74 -13.33 15.92
CA THR A 845 -1.77 -12.30 14.87
C THR A 845 -0.37 -11.67 14.71
N LEU A 846 0.14 -11.61 13.49
CA LEU A 846 1.42 -10.95 13.25
C LEU A 846 1.13 -9.64 12.48
N LEU A 847 1.45 -8.49 13.08
CA LEU A 847 1.22 -7.19 12.45
C LEU A 847 2.56 -6.70 11.84
N THR A 848 2.51 -6.04 10.68
CA THR A 848 3.73 -5.58 9.99
C THR A 848 3.82 -4.08 9.78
N GLY A 849 5.05 -3.57 9.75
CA GLY A 849 5.25 -2.15 9.52
C GLY A 849 5.65 -1.98 8.06
N GLN A 850 5.46 -3.03 7.25
CA GLN A 850 5.80 -2.97 5.84
C GLN A 850 5.09 -4.11 5.08
N PRO A 851 4.78 -3.89 3.79
CA PRO A 851 4.10 -4.96 3.03
C PRO A 851 5.14 -5.98 2.61
N LEU A 852 4.81 -7.26 2.81
CA LEU A 852 5.70 -8.37 2.45
C LEU A 852 4.79 -9.53 1.99
N GLY A 853 5.37 -10.61 1.49
CA GLY A 853 4.53 -11.71 1.04
C GLY A 853 4.48 -12.79 2.13
N GLY A 854 3.37 -13.52 2.23
CA GLY A 854 3.34 -14.54 3.28
C GLY A 854 2.30 -15.61 3.09
N SER A 855 2.21 -16.53 4.05
CA SER A 855 1.24 -17.60 3.93
C SER A 855 1.16 -18.38 5.22
N SER A 856 0.38 -19.46 5.16
CA SER A 856 0.23 -20.44 6.25
C SER A 856 0.22 -21.74 5.45
N LEU A 857 1.39 -22.36 5.31
CA LEU A 857 1.53 -23.58 4.50
C LEU A 857 1.19 -24.87 5.23
N ALA A 858 0.94 -24.77 6.52
CA ALA A 858 0.54 -25.90 7.33
C ALA A 858 -0.24 -25.38 8.53
N SER A 859 -1.16 -26.19 9.02
CA SER A 859 -1.98 -25.87 10.17
C SER A 859 -1.06 -25.42 11.30
N GLY A 860 -1.45 -24.33 11.96
CA GLY A 860 -0.70 -23.77 13.07
C GLY A 860 0.49 -22.90 12.70
N GLU A 861 0.73 -22.73 11.40
CA GLU A 861 1.85 -21.93 10.93
C GLU A 861 1.53 -20.57 10.31
N LEU A 862 2.51 -19.68 10.39
CA LEU A 862 2.41 -18.36 9.77
C LEU A 862 3.81 -18.10 9.22
N GLU A 863 3.91 -17.51 8.03
CA GLU A 863 5.25 -17.19 7.53
C GLU A 863 5.19 -15.98 6.62
N ILE A 864 6.26 -15.22 6.64
CA ILE A 864 6.33 -13.99 5.87
C ILE A 864 7.76 -13.80 5.38
N MET A 865 7.90 -13.58 4.08
CA MET A 865 9.20 -13.39 3.46
C MET A 865 9.89 -12.08 3.86
N GLN A 866 11.19 -12.15 4.14
CA GLN A 866 11.93 -10.97 4.55
C GLN A 866 12.63 -10.23 3.39
N ASP A 867 13.29 -10.97 2.52
CA ASP A 867 13.96 -10.40 1.36
C ASP A 867 14.25 -11.53 0.39
N ARG A 868 14.52 -11.18 -0.87
CA ARG A 868 14.81 -12.14 -1.92
C ARG A 868 15.88 -11.55 -2.87
N ARG A 869 16.82 -12.38 -3.29
CA ARG A 869 17.89 -11.92 -4.17
C ARG A 869 17.91 -12.94 -5.28
N LEU A 870 17.61 -12.49 -6.49
CA LEU A 870 17.51 -13.40 -7.61
C LEU A 870 18.39 -12.98 -8.78
N ALA A 871 19.19 -13.93 -9.26
CA ALA A 871 20.13 -13.68 -10.33
C ALA A 871 19.48 -13.59 -11.70
N SER A 872 18.32 -14.23 -11.89
CA SER A 872 17.69 -14.22 -13.23
C SER A 872 16.49 -13.32 -13.45
N ASP A 873 16.27 -12.99 -14.71
CA ASP A 873 15.11 -12.20 -15.11
C ASP A 873 13.98 -13.22 -15.24
N ASP A 874 12.74 -12.82 -14.97
CA ASP A 874 11.61 -13.75 -15.06
C ASP A 874 10.70 -13.51 -16.29
N GLU A 875 11.29 -12.97 -17.34
CA GLU A 875 10.60 -12.78 -18.61
C GLU A 875 9.30 -12.00 -18.67
N ARG A 876 9.18 -10.94 -17.86
CA ARG A 876 7.97 -10.13 -17.91
C ARG A 876 8.36 -8.73 -18.39
N GLY A 877 9.60 -8.62 -18.89
CA GLY A 877 10.07 -7.34 -19.43
C GLY A 877 11.07 -6.51 -18.63
N LEU A 878 11.29 -6.86 -17.35
CA LEU A 878 12.20 -6.05 -16.54
C LEU A 878 13.64 -6.14 -17.05
N GLY A 879 14.02 -7.30 -17.59
CA GLY A 879 15.35 -7.46 -18.14
C GLY A 879 16.49 -7.54 -17.14
N GLN A 880 16.18 -7.89 -15.90
CA GLN A 880 17.22 -8.04 -14.90
C GLN A 880 16.67 -8.83 -13.71
N GLY A 881 17.57 -9.32 -12.87
CA GLY A 881 17.14 -10.03 -11.68
C GLY A 881 17.03 -8.99 -10.56
N VAL A 882 17.10 -9.46 -9.32
CA VAL A 882 17.05 -8.57 -8.17
C VAL A 882 18.34 -8.77 -7.40
N LEU A 883 19.31 -7.91 -7.66
CA LEU A 883 20.60 -8.02 -7.00
C LEU A 883 21.03 -6.73 -6.34
N ASP A 884 20.08 -5.83 -6.11
CA ASP A 884 20.36 -4.54 -5.49
C ASP A 884 19.88 -4.44 -4.03
N ASN A 885 19.83 -5.58 -3.35
CA ASN A 885 19.41 -5.64 -1.97
C ASN A 885 20.24 -4.76 -1.08
N LYS A 886 19.62 -4.27 -0.02
CA LYS A 886 20.33 -3.49 0.95
C LYS A 886 19.69 -3.74 2.32
N PRO A 887 20.47 -3.50 3.38
CA PRO A 887 19.97 -3.71 4.74
C PRO A 887 18.62 -3.02 5.00
N VAL A 888 17.67 -3.75 5.55
CA VAL A 888 16.41 -3.15 5.87
C VAL A 888 16.01 -3.64 7.25
N LEU A 889 15.31 -2.79 7.98
CA LEU A 889 14.82 -3.08 9.32
C LEU A 889 13.32 -3.29 9.25
N HIS A 890 12.90 -4.55 9.27
CA HIS A 890 11.48 -4.88 9.24
C HIS A 890 10.98 -4.88 10.69
N ILE A 891 9.79 -4.35 10.92
CA ILE A 891 9.25 -4.33 12.28
C ILE A 891 7.88 -5.00 12.31
N TYR A 892 7.54 -5.58 13.46
CA TYR A 892 6.27 -6.28 13.64
C TYR A 892 5.84 -6.22 15.08
N ARG A 893 4.59 -6.65 15.31
CA ARG A 893 4.08 -6.79 16.68
C ARG A 893 3.49 -8.22 16.62
N LEU A 894 3.72 -9.03 17.65
CA LEU A 894 3.23 -10.41 17.65
C LEU A 894 2.21 -10.54 18.81
N VAL A 895 0.95 -10.77 18.45
CA VAL A 895 -0.13 -10.85 19.42
C VAL A 895 -0.73 -12.25 19.59
N LEU A 896 -0.50 -12.88 20.73
CA LEU A 896 -1.08 -14.19 21.00
C LEU A 896 -2.26 -13.85 21.91
N GLU A 897 -3.47 -14.32 21.59
CA GLU A 897 -4.63 -14.02 22.43
C GLU A 897 -5.64 -15.16 22.47
N LYS A 898 -6.46 -15.20 23.52
CA LYS A 898 -7.53 -16.20 23.63
C LYS A 898 -8.74 -15.53 22.95
N VAL A 899 -9.43 -16.25 22.06
CA VAL A 899 -10.57 -15.67 21.36
C VAL A 899 -11.85 -16.48 21.58
N ASN A 900 -11.83 -17.39 22.54
CA ASN A 900 -13.01 -18.24 22.75
C ASN A 900 -14.26 -17.45 23.16
N ASN A 901 -14.08 -16.25 23.70
CA ASN A 901 -15.23 -15.46 24.12
C ASN A 901 -15.60 -14.42 23.10
N CYS A 902 -14.83 -14.32 22.02
CA CYS A 902 -15.11 -13.30 21.03
C CYS A 902 -16.30 -13.63 20.12
N VAL A 903 -17.09 -12.61 19.80
CA VAL A 903 -18.21 -12.80 18.88
C VAL A 903 -17.60 -12.74 17.48
N ARG A 904 -17.52 -13.88 16.83
CA ARG A 904 -16.92 -13.96 15.51
C ARG A 904 -17.91 -14.24 14.38
N PRO A 905 -17.49 -13.98 13.13
CA PRO A 905 -18.37 -14.23 11.98
C PRO A 905 -18.58 -15.75 11.92
N SER A 906 -19.68 -16.18 11.31
CA SER A 906 -19.93 -17.61 11.18
C SER A 906 -18.89 -18.18 10.23
N LYS A 907 -18.85 -19.51 10.15
CA LYS A 907 -17.89 -20.19 9.30
C LYS A 907 -17.96 -19.88 7.82
N LEU A 908 -19.10 -19.43 7.31
CA LEU A 908 -19.21 -19.14 5.88
C LEU A 908 -18.93 -17.68 5.53
N HIS A 909 -18.69 -16.84 6.53
CA HIS A 909 -18.42 -15.43 6.27
C HIS A 909 -17.00 -15.31 5.67
N PRO A 910 -16.84 -14.54 4.58
CA PRO A 910 -15.51 -14.39 3.95
C PRO A 910 -14.52 -13.44 4.65
N ALA A 911 -14.97 -12.76 5.70
CA ALA A 911 -14.11 -11.83 6.41
C ALA A 911 -13.68 -12.23 7.81
N GLY A 912 -12.70 -11.49 8.31
CA GLY A 912 -12.20 -11.68 9.66
C GLY A 912 -11.97 -10.31 10.24
N TYR A 913 -11.93 -10.21 11.57
CA TYR A 913 -11.71 -8.91 12.24
C TYR A 913 -10.71 -9.00 13.37
N LEU A 914 -9.94 -7.94 13.54
CA LEU A 914 -8.97 -7.86 14.61
C LEU A 914 -9.61 -7.57 15.96
N THR A 915 -8.83 -7.82 17.00
CA THR A 915 -9.24 -7.53 18.36
C THR A 915 -8.65 -6.14 18.60
N SER A 916 -9.09 -5.54 19.69
CA SER A 916 -8.62 -4.22 20.10
C SER A 916 -7.08 -4.23 20.25
N ALA A 917 -6.53 -5.25 20.92
CA ALA A 917 -5.07 -5.27 21.10
C ALA A 917 -4.33 -5.37 19.78
N ALA A 918 -4.82 -6.22 18.87
CA ALA A 918 -4.15 -6.39 17.57
C ALA A 918 -4.23 -5.10 16.76
N HIS A 919 -5.36 -4.43 16.85
CA HIS A 919 -5.54 -3.18 16.11
C HIS A 919 -4.60 -2.10 16.66
N LYS A 920 -4.58 -1.91 17.97
CA LYS A 920 -3.68 -0.91 18.50
C LYS A 920 -2.22 -1.27 18.17
N ALA A 921 -1.89 -2.56 18.14
CA ALA A 921 -0.51 -2.95 17.82
C ALA A 921 -0.21 -2.52 16.38
N SER A 922 -1.18 -2.67 15.48
CA SER A 922 -0.94 -2.24 14.09
C SER A 922 -0.72 -0.72 14.07
N GLN A 923 -1.52 0.01 14.82
CA GLN A 923 -1.36 1.46 14.86
C GLN A 923 -0.01 1.88 15.44
N SER A 924 0.54 1.10 16.38
CA SER A 924 1.85 1.43 16.98
C SER A 924 2.97 1.30 15.94
N LEU A 925 2.76 0.43 14.95
CA LEU A 925 3.74 0.25 13.87
C LEU A 925 3.61 1.29 12.75
N LEU A 926 2.37 1.52 12.30
CA LEU A 926 2.14 2.42 11.19
C LEU A 926 2.09 3.89 11.56
N ASP A 927 1.54 4.20 12.73
CA ASP A 927 1.45 5.60 13.12
C ASP A 927 1.91 5.85 14.56
N PRO A 928 3.22 5.65 14.80
CA PRO A 928 3.85 5.85 16.12
C PRO A 928 3.86 7.33 16.46
N LEU A 929 4.20 7.63 17.72
CA LEU A 929 4.32 9.04 18.13
C LEU A 929 5.49 9.58 17.32
N ASP A 930 5.45 10.87 16.98
CA ASP A 930 6.57 11.49 16.26
C ASP A 930 7.39 12.16 17.35
N LYS A 931 8.71 12.15 17.20
CA LYS A 931 9.57 12.72 18.22
C LYS A 931 10.40 13.86 17.66
N PHE A 932 10.43 14.98 18.40
CA PHE A 932 11.19 16.16 17.97
C PHE A 932 12.18 16.64 19.05
N ILE A 933 13.41 16.91 18.65
CA ILE A 933 14.43 17.40 19.59
C ILE A 933 14.65 18.87 19.28
N PHE A 934 14.50 19.73 20.29
CA PHE A 934 14.71 21.16 20.08
C PHE A 934 16.20 21.40 19.70
N ALA A 935 16.44 22.16 18.65
CA ALA A 935 17.82 22.33 18.18
C ALA A 935 18.73 23.36 18.86
N GLU A 936 18.18 24.49 19.29
CA GLU A 936 18.99 25.54 19.94
C GLU A 936 19.15 25.21 21.44
N ASN A 937 19.94 26.00 22.15
CA ASN A 937 20.11 25.71 23.57
C ASN A 937 18.90 26.07 24.38
N GLU A 938 18.21 27.13 24.00
CA GLU A 938 17.04 27.52 24.78
C GLU A 938 15.80 27.78 23.93
N TRP A 939 14.67 27.27 24.40
CA TRP A 939 13.41 27.44 23.71
C TRP A 939 12.58 28.44 24.48
N ILE A 940 12.65 29.72 24.08
CA ILE A 940 11.91 30.79 24.75
C ILE A 940 10.41 30.79 24.41
N GLY A 941 9.55 30.76 25.41
CA GLY A 941 8.11 30.79 25.16
C GLY A 941 7.48 29.40 25.05
N ALA A 942 8.32 28.36 25.23
CA ALA A 942 7.88 26.97 25.17
C ALA A 942 6.64 26.67 26.01
N GLN A 943 5.73 25.87 25.47
CA GLN A 943 4.53 25.48 26.18
C GLN A 943 4.56 23.98 26.32
N GLY A 944 3.87 23.44 27.31
CA GLY A 944 3.95 22.01 27.52
C GLY A 944 2.97 21.09 26.81
N GLN A 945 1.94 21.63 26.16
CA GLN A 945 0.96 20.74 25.56
C GLN A 945 0.06 21.44 24.56
N PHE A 946 -0.41 20.67 23.59
CA PHE A 946 -1.34 21.17 22.60
C PHE A 946 -2.33 20.06 22.37
N GLY A 947 -3.61 20.41 22.34
CA GLY A 947 -4.63 19.42 22.05
C GLY A 947 -5.25 18.78 23.26
N GLY A 948 -4.94 19.27 24.46
CA GLY A 948 -5.49 18.68 25.67
C GLY A 948 -7.00 18.69 25.67
N ASP A 949 -7.61 19.57 24.87
CA ASP A 949 -9.08 19.62 24.81
C ASP A 949 -9.67 18.91 23.61
N HIS A 950 -8.82 18.27 22.80
CA HIS A 950 -9.29 17.54 21.63
C HIS A 950 -10.05 16.32 22.12
N PRO A 951 -11.18 16.00 21.52
CA PRO A 951 -11.99 14.84 21.92
C PRO A 951 -11.17 13.57 21.72
N SER A 952 -11.24 12.64 22.68
CA SER A 952 -10.54 11.37 22.60
C SER A 952 -11.58 10.37 22.12
N ALA A 953 -11.58 10.13 20.81
CA ALA A 953 -12.56 9.26 20.15
C ALA A 953 -12.44 7.79 20.46
N ARG A 954 -13.53 7.07 20.22
CA ARG A 954 -13.58 5.63 20.43
C ARG A 954 -12.45 4.99 19.64
N GLU A 955 -11.84 3.96 20.24
CA GLU A 955 -10.66 3.31 19.67
C GLU A 955 -10.71 2.77 18.25
N ASP A 956 -11.90 2.46 17.73
CA ASP A 956 -11.99 1.92 16.35
C ASP A 956 -12.13 3.03 15.30
N LEU A 957 -12.15 4.26 15.75
CA LEU A 957 -12.27 5.40 14.83
C LEU A 957 -10.93 6.07 14.62
N ASP A 958 -10.65 6.50 13.39
CA ASP A 958 -9.41 7.22 13.11
C ASP A 958 -9.67 8.44 12.20
N VAL A 959 -8.90 9.52 12.38
CA VAL A 959 -8.97 10.67 11.47
C VAL A 959 -7.82 10.32 10.50
N SER A 960 -8.12 9.54 9.48
CA SER A 960 -7.12 9.09 8.51
C SER A 960 -6.36 10.24 7.82
N VAL A 961 -7.09 11.31 7.53
CA VAL A 961 -6.53 12.50 6.87
C VAL A 961 -7.11 13.79 7.48
N MET A 962 -6.22 14.75 7.74
CA MET A 962 -6.64 16.07 8.14
C MET A 962 -5.85 16.95 7.18
N ARG A 963 -6.56 17.68 6.31
CA ARG A 963 -5.86 18.51 5.35
C ARG A 963 -6.53 19.86 5.12
N ARG A 964 -5.80 20.95 5.35
CA ARG A 964 -6.37 22.28 5.07
C ARG A 964 -6.35 22.37 3.55
N LEU A 965 -7.50 22.72 2.99
CA LEU A 965 -7.70 22.77 1.54
C LEU A 965 -7.58 24.15 0.88
N THR A 966 -7.44 25.20 1.69
CA THR A 966 -7.35 26.57 1.20
C THR A 966 -6.07 27.26 1.63
N LYS A 967 -5.59 28.16 0.77
CA LYS A 967 -4.40 28.97 1.05
C LYS A 967 -4.83 30.15 1.90
N SER A 968 -3.88 30.86 2.51
CA SER A 968 -4.20 31.96 3.43
C SER A 968 -5.03 33.11 2.86
N SER A 969 -4.90 33.35 1.56
CA SER A 969 -5.65 34.45 0.95
C SER A 969 -7.13 34.17 0.77
N ALA A 970 -7.58 32.95 1.07
CA ALA A 970 -9.02 32.64 0.93
C ALA A 970 -9.83 33.15 2.11
N LYS A 971 -10.84 33.97 1.83
CA LYS A 971 -11.68 34.50 2.90
C LYS A 971 -12.32 33.38 3.69
N THR A 972 -12.82 32.36 3.00
CA THR A 972 -13.42 31.26 3.72
C THR A 972 -12.44 30.09 3.75
N GLN A 973 -11.89 29.81 4.92
CA GLN A 973 -10.99 28.69 5.04
C GLN A 973 -11.75 27.37 5.06
N ARG A 974 -11.14 26.34 4.49
CA ARG A 974 -11.72 25.02 4.46
C ARG A 974 -10.72 23.96 4.86
N VAL A 975 -11.19 23.05 5.71
CA VAL A 975 -10.35 21.95 6.18
C VAL A 975 -11.05 20.63 5.94
N GLY A 976 -10.34 19.72 5.27
CA GLY A 976 -10.91 18.42 4.96
C GLY A 976 -10.42 17.32 5.90
N TYR A 977 -11.35 16.42 6.22
CA TYR A 977 -11.08 15.27 7.06
C TYR A 977 -11.60 13.97 6.45
N VAL A 978 -10.79 12.93 6.53
CA VAL A 978 -11.23 11.60 6.09
C VAL A 978 -11.31 10.81 7.40
N LEU A 979 -12.51 10.29 7.72
CA LEU A 979 -12.74 9.54 8.96
C LEU A 979 -12.98 8.08 8.63
N HIS A 980 -12.23 7.18 9.26
CA HIS A 980 -12.42 5.76 8.99
C HIS A 980 -12.70 5.03 10.28
N ARG A 981 -13.72 4.17 10.31
CA ARG A 981 -13.97 3.36 11.50
C ARG A 981 -13.78 1.92 11.06
N THR A 982 -12.91 1.20 11.77
CA THR A 982 -12.65 -0.20 11.43
C THR A 982 -13.69 -0.98 12.25
N ASN A 983 -13.59 -2.29 12.32
CA ASN A 983 -14.54 -3.07 13.13
C ASN A 983 -13.72 -4.03 13.99
N LEU A 984 -13.87 -3.91 15.30
CA LEU A 984 -13.13 -4.75 16.22
C LEU A 984 -14.03 -5.77 16.89
N MET A 985 -13.51 -6.96 17.12
CA MET A 985 -14.31 -7.99 17.76
C MET A 985 -14.72 -7.66 19.18
N GLN A 986 -15.96 -8.01 19.52
CA GLN A 986 -16.53 -7.83 20.86
C GLN A 986 -16.05 -9.08 21.60
N CYS A 987 -15.21 -8.92 22.61
CA CYS A 987 -14.70 -10.08 23.34
C CYS A 987 -14.94 -10.01 24.84
N GLY A 988 -15.94 -9.21 25.25
CA GLY A 988 -16.27 -9.14 26.66
C GLY A 988 -15.64 -8.02 27.44
N THR A 989 -14.79 -7.24 26.79
CA THR A 989 -14.17 -6.12 27.48
C THR A 989 -15.14 -4.95 27.46
N PRO A 990 -15.57 -4.48 28.64
CA PRO A 990 -16.52 -3.36 28.69
C PRO A 990 -16.09 -2.14 27.87
N GLU A 991 -14.82 -1.76 27.97
CA GLU A 991 -14.28 -0.60 27.23
C GLU A 991 -15.30 0.55 27.15
N GLU A 992 -15.18 1.52 28.06
CA GLU A 992 -16.15 2.60 28.11
C GLU A 992 -15.61 4.01 27.85
N HIS A 993 -16.32 4.96 28.48
CA HIS A 993 -16.06 6.40 28.44
C HIS A 993 -15.24 7.03 27.32
N THR A 994 -15.91 7.35 26.21
CA THR A 994 -15.24 8.03 25.11
C THR A 994 -16.11 9.19 24.63
N GLN A 995 -15.48 10.20 24.04
CA GLN A 995 -16.19 11.35 23.54
C GLN A 995 -16.47 11.30 22.06
N LYS A 996 -17.62 11.87 21.72
CA LYS A 996 -18.02 11.94 20.35
C LYS A 996 -17.02 12.88 19.67
N LEU A 997 -16.54 12.47 18.49
CA LEU A 997 -15.61 13.29 17.74
C LEU A 997 -16.34 14.00 16.60
N ASP A 998 -16.39 15.32 16.65
CA ASP A 998 -17.04 16.07 15.59
C ASP A 998 -15.92 16.83 14.94
N VAL A 999 -15.37 16.32 13.85
CA VAL A 999 -14.26 17.01 13.20
C VAL A 999 -14.62 18.41 12.70
N CYS A 1000 -15.90 18.65 12.44
CA CYS A 1000 -16.27 19.97 11.96
C CYS A 1000 -16.06 21.07 13.03
N HIS A 1001 -15.98 20.67 14.29
CA HIS A 1001 -15.71 21.66 15.32
C HIS A 1001 -14.26 21.61 15.88
N LEU A 1002 -13.35 20.92 15.21
CA LEU A 1002 -11.96 20.89 15.70
C LEU A 1002 -11.32 22.27 15.53
N LEU A 1003 -11.74 23.02 14.50
CA LEU A 1003 -11.22 24.38 14.33
C LEU A 1003 -12.35 25.35 14.70
N PRO A 1004 -12.01 26.53 15.22
CA PRO A 1004 -13.05 27.48 15.60
C PRO A 1004 -13.69 28.24 14.45
N ASN A 1005 -14.77 28.92 14.81
CA ASN A 1005 -15.52 29.75 13.87
C ASN A 1005 -16.04 28.97 12.69
N VAL A 1006 -16.56 27.77 12.93
CA VAL A 1006 -17.09 27.00 11.81
C VAL A 1006 -18.38 27.66 11.33
N ALA A 1007 -18.53 27.80 10.03
CA ALA A 1007 -19.71 28.43 9.44
C ALA A 1007 -20.48 27.40 8.61
N ARG A 1008 -19.81 26.33 8.22
CA ARG A 1008 -20.48 25.30 7.43
C ARG A 1008 -19.75 23.97 7.55
N CYS A 1009 -20.51 22.88 7.44
CA CYS A 1009 -19.97 21.53 7.52
C CYS A 1009 -20.64 20.69 6.42
N GLU A 1010 -19.82 20.13 5.53
CA GLU A 1010 -20.32 19.30 4.45
C GLU A 1010 -19.68 17.93 4.36
N ARG A 1011 -20.50 16.92 4.05
CA ARG A 1011 -19.98 15.59 3.80
C ARG A 1011 -19.62 15.62 2.30
N THR A 1012 -18.49 15.04 1.93
CA THR A 1012 -18.03 15.08 0.55
C THR A 1012 -17.48 13.70 0.10
N THR A 1013 -17.17 13.61 -1.18
CA THR A 1013 -16.54 12.43 -1.68
C THR A 1013 -15.17 12.37 -0.97
N LEU A 1014 -14.56 11.19 -0.91
CA LEU A 1014 -13.26 11.04 -0.24
C LEU A 1014 -12.14 11.91 -0.77
N THR A 1015 -12.29 12.42 -1.98
CA THR A 1015 -11.29 13.29 -2.60
C THR A 1015 -11.54 14.77 -2.28
N PHE A 1016 -12.62 15.04 -1.53
CA PHE A 1016 -13.09 16.39 -1.19
C PHE A 1016 -13.60 17.20 -2.39
N LEU A 1017 -13.73 16.57 -3.56
CA LEU A 1017 -14.12 17.31 -4.77
C LEU A 1017 -15.59 17.52 -4.99
N GLN A 1018 -16.45 16.78 -4.31
CA GLN A 1018 -17.87 17.00 -4.51
C GLN A 1018 -18.64 17.00 -3.18
N ASN A 1019 -19.43 18.05 -2.95
CA ASN A 1019 -20.24 18.15 -1.74
C ASN A 1019 -21.43 17.20 -1.92
N LEU A 1020 -21.66 16.36 -0.93
CA LEU A 1020 -22.72 15.39 -1.03
C LEU A 1020 -23.80 15.69 -0.03
N GLU A 1021 -23.43 16.35 1.06
CA GLU A 1021 -24.42 16.63 2.10
C GLU A 1021 -24.10 17.86 2.94
N HIS A 1022 -25.10 18.71 3.12
CA HIS A 1022 -24.97 19.93 3.91
C HIS A 1022 -25.42 19.53 5.31
N LEU A 1023 -24.52 19.63 6.29
CA LEU A 1023 -24.82 19.16 7.62
C LEU A 1023 -25.44 20.09 8.65
N ASP A 1024 -26.54 19.59 9.22
CA ASP A 1024 -27.28 20.31 10.25
C ASP A 1024 -26.44 20.55 11.48
N GLY A 1025 -26.58 21.74 12.04
CA GLY A 1025 -25.86 22.08 13.24
C GLY A 1025 -24.37 22.09 12.99
N MET A 1026 -23.97 21.96 11.73
CA MET A 1026 -22.57 21.93 11.34
C MET A 1026 -21.86 20.84 12.13
N VAL A 1027 -22.54 19.72 12.29
CA VAL A 1027 -21.97 18.62 13.04
C VAL A 1027 -21.71 17.42 12.14
N ALA A 1028 -20.45 16.99 12.10
CA ALA A 1028 -20.06 15.85 11.29
C ALA A 1028 -20.28 14.60 12.12
N PRO A 1029 -21.30 13.83 11.80
CA PRO A 1029 -21.56 12.60 12.58
C PRO A 1029 -20.45 11.54 12.37
N GLU A 1030 -20.28 10.60 13.31
CA GLU A 1030 -19.25 9.58 13.14
C GLU A 1030 -19.79 8.51 12.19
N VAL A 1031 -18.86 7.76 11.60
CA VAL A 1031 -19.21 6.75 10.64
C VAL A 1031 -19.42 5.37 11.27
N CYS A 1032 -20.01 4.48 10.49
CA CYS A 1032 -20.31 3.12 10.90
C CYS A 1032 -19.08 2.22 10.76
N PRO A 1033 -19.07 1.05 11.44
CA PRO A 1033 -17.95 0.12 11.38
C PRO A 1033 -17.70 -0.24 9.89
N MET A 1034 -16.43 -0.20 9.52
CA MET A 1034 -15.92 -0.50 8.20
C MET A 1034 -16.24 0.57 7.15
N GLU A 1035 -16.78 1.70 7.58
CA GLU A 1035 -17.09 2.76 6.64
C GLU A 1035 -16.07 3.89 6.73
N THR A 1036 -16.00 4.69 5.67
CA THR A 1036 -15.09 5.81 5.57
C THR A 1036 -15.87 6.97 4.97
N ALA A 1037 -15.74 8.15 5.57
CA ALA A 1037 -16.45 9.33 5.09
C ALA A 1037 -15.49 10.50 5.12
N ALA A 1038 -15.82 11.54 4.35
CA ALA A 1038 -15.01 12.73 4.28
C ALA A 1038 -15.91 13.92 4.61
N TYR A 1039 -15.35 14.86 5.37
CA TYR A 1039 -16.08 16.05 5.72
C TYR A 1039 -15.18 17.25 5.49
N VAL A 1040 -15.79 18.38 5.16
CA VAL A 1040 -15.05 19.61 4.96
C VAL A 1040 -15.74 20.67 5.82
N SER A 1041 -14.96 21.32 6.69
CA SER A 1041 -15.52 22.39 7.51
C SER A 1041 -15.03 23.73 6.91
N SER A 1042 -15.90 24.72 6.88
CA SER A 1042 -15.59 26.07 6.34
C SER A 1042 -15.60 26.98 7.56
N HIS A 1043 -14.64 27.89 7.60
CA HIS A 1043 -14.47 28.78 8.74
C HIS A 1043 -14.34 30.20 8.26
N SER A 1044 -14.97 31.10 8.99
CA SER A 1044 -14.93 32.48 8.61
C SER A 1044 -13.90 33.24 9.41
C1 NAG B . -16.88 22.98 -16.69
C2 NAG B . -17.00 24.51 -16.65
C3 NAG B . -18.44 24.95 -16.40
C4 NAG B . -19.42 23.82 -16.70
C5 NAG B . -19.10 22.56 -15.86
C6 NAG B . -19.63 21.31 -16.54
C7 NAG B . -15.73 26.22 -15.53
C8 NAG B . -14.86 26.68 -16.70
N2 NAG B . -16.17 24.98 -15.56
O3 NAG B . -18.75 26.07 -17.23
O4 NAG B . -20.74 24.24 -16.43
O5 NAG B . -17.66 22.38 -15.66
O6 NAG B . -19.77 20.27 -15.59
O7 NAG B . -15.96 26.98 -14.58
ZN ZN C . 2.54 -0.68 -16.44
C1 GUL D . 4.26 -5.37 -16.24
C4 GUL D . 4.00 -2.78 -17.80
F1 GUL D . 3.71 -6.24 -15.58
O4 GUL D . 3.64 -1.60 -18.28
C3 GUL D . 4.66 -2.77 -16.37
O3 GUL D . 4.27 -1.65 -15.62
C2 GUL D . 4.72 -4.04 -15.35
O2 GUL D . 5.72 -4.45 -14.64
C6 GUL D . 5.35 -6.11 -17.07
O6 GUL D . 5.15 -6.78 -17.98
O5 GUL D . 3.21 -5.11 -17.35
C5 GUL D . 2.76 -3.78 -17.61
C1 MPD E . -0.48 -19.67 -23.76
C2 MPD E . -0.34 -18.20 -23.78
O2 MPD E . -1.38 -17.64 -22.93
CM MPD E . 1.00 -17.77 -23.23
C3 MPD E . -0.58 -17.70 -25.23
C4 MPD E . -0.80 -16.21 -25.46
O4 MPD E . -1.69 -16.00 -26.55
C5 MPD E . 0.54 -15.50 -25.80
#